data_9C0P
#
_entry.id   9C0P
#
_cell.length_a   106.665
_cell.length_b   106.665
_cell.length_c   258.890
_cell.angle_alpha   90.00
_cell.angle_beta   90.00
_cell.angle_gamma   90.00
#
_symmetry.space_group_name_H-M   'P 41 21 2'
#
loop_
_entity.id
_entity.type
_entity.pdbx_description
1 polymer 'Polyketide synthase Pks13'
2 branched beta-D-fructofuranose-(2-1)-alpha-D-glucopyranose
3 non-polymer 'PENTAETHYLENE GLYCOL'
4 non-polymer 'SULFATE ION'
5 non-polymer N-{4-[(4-{[fluorodi(hydroxy)-lambda~4~-sulfanyl]oxy}phenoxy)methyl]phenyl}acetamide
6 water water
#
_entity_poly.entity_id   1
_entity_poly.type   'polypeptide(L)'
_entity_poly.pdbx_seq_one_letter_code
;MHHHHHHSSGVDLGTENLYFQSNARFDEFGNIITDSAVAEEPEPELPGVTEEALRLKEAALEELAAQEVTAPLVPLAVSA
FLTSRKKAAAAELADWMQSPEGQASSLESIGRSLSRRNHGRSRAVVLAHDHDEAIKGLRAVAAGKQAPNVFSVDGPVTTG
PVWVLAGFGAQHRKMGKSLYLRNEVFAAWIEKVDALVQDELGYSVLELILDDAQDYGIETTQVTIFAIQIALGELLRHHG
AKPAAVIGQSLGEAASAYFAGGLSLRDATRAICSRSHLMGEGEAMLFGEYIRLMALVEYSADEIREVFSDFPDLEVCVYA
APTQTVIGGPPEQVDAILARAEAEGKFARKFATKGASHTSQMDPLLGELTAELQGIKPTSPTCGIFSTVHEGRYIKPGGE
PIHDVEYWKKGLRHSVYFTHGIRNAVDSGHTTFLELAPNPVALMQVALTTADAGLHDAQLIPTLARKQDEVSSMVSTMAQ
LYVYGHDLDIRTLFSRASGPQDYANIPPTRFK
;
_entity_poly.pdbx_strand_id   A,B
#
# COMPACT_ATOMS: atom_id res chain seq x y z
N GLU A 45 2.08 -12.20 52.28
CA GLU A 45 2.11 -13.20 51.23
C GLU A 45 1.06 -12.90 50.17
N LEU A 46 1.51 -12.55 48.97
CA LEU A 46 0.62 -12.39 47.82
C LEU A 46 -0.06 -13.69 47.45
N PRO A 47 -1.19 -13.64 46.70
CA PRO A 47 -1.79 -14.86 46.15
C PRO A 47 -0.82 -15.62 45.25
N GLY A 48 -0.87 -16.96 45.31
CA GLY A 48 -0.07 -17.80 44.43
C GLY A 48 -0.77 -18.04 43.09
N VAL A 49 -0.11 -18.79 42.20
CA VAL A 49 -0.74 -19.25 40.97
C VAL A 49 -2.02 -20.05 41.28
N THR A 50 -3.14 -19.69 40.66
CA THR A 50 -4.42 -20.36 40.94
C THR A 50 -4.42 -21.81 40.47
N GLU A 51 -5.29 -22.63 41.08
CA GLU A 51 -5.45 -24.01 40.68
C GLU A 51 -5.86 -24.10 39.21
N GLU A 52 -6.75 -23.20 38.77
CA GLU A 52 -7.19 -23.17 37.39
C GLU A 52 -6.04 -22.84 36.42
N ALA A 53 -5.18 -21.89 36.79
CA ALA A 53 -3.99 -21.62 35.98
C ALA A 53 -3.09 -22.85 35.87
N LEU A 54 -2.88 -23.56 36.99
CA LEU A 54 -2.07 -24.78 36.97
C LEU A 54 -2.70 -25.84 36.07
N ARG A 55 -4.02 -26.06 36.19
CA ARG A 55 -4.71 -27.00 35.33
C ARG A 55 -4.52 -26.63 33.85
N LEU A 56 -4.73 -25.35 33.51
CA LEU A 56 -4.61 -24.91 32.14
C LEU A 56 -3.17 -25.07 31.62
N LYS A 57 -2.21 -24.76 32.47
CA LYS A 57 -0.80 -24.92 32.14
C LYS A 57 -0.47 -26.38 31.78
N GLU A 58 -0.93 -27.32 32.60
CA GLU A 58 -0.67 -28.72 32.35
C GLU A 58 -1.23 -29.15 31.00
N ALA A 59 -2.47 -28.77 30.70
CA ALA A 59 -3.04 -29.08 29.39
C ALA A 59 -2.24 -28.46 28.25
N ALA A 60 -1.80 -27.20 28.42
CA ALA A 60 -1.02 -26.51 27.41
C ALA A 60 0.35 -27.15 27.16
N LEU A 61 0.99 -27.65 28.22
CA LEU A 61 2.26 -28.35 28.07
C LEU A 61 2.10 -29.69 27.36
N GLU A 62 1.01 -30.41 27.62
CA GLU A 62 0.72 -31.64 26.89
C GLU A 62 0.48 -31.35 25.41
N GLU A 63 -0.26 -30.28 25.10
CA GLU A 63 -0.46 -29.90 23.71
C GLU A 63 0.90 -29.60 23.06
N LEU A 64 1.76 -28.88 23.77
CA LEU A 64 3.06 -28.50 23.26
C LEU A 64 3.95 -29.71 23.00
N ALA A 65 3.99 -30.65 23.96
CA ALA A 65 4.83 -31.83 23.84
C ALA A 65 4.43 -32.73 22.67
N ALA A 66 3.19 -32.62 22.20
CA ALA A 66 2.74 -33.41 21.07
C ALA A 66 2.92 -32.70 19.73
N GLN A 67 3.41 -31.47 19.72
CA GLN A 67 3.64 -30.78 18.47
C GLN A 67 5.02 -31.14 17.93
N GLU A 68 5.18 -31.01 16.60
CA GLU A 68 6.47 -31.21 15.96
C GLU A 68 7.45 -30.15 16.45
N VAL A 69 8.68 -30.58 16.74
CA VAL A 69 9.73 -29.66 17.16
C VAL A 69 10.16 -28.83 15.95
N THR A 70 10.26 -27.51 16.13
CA THR A 70 10.82 -26.65 15.11
C THR A 70 12.28 -26.33 15.44
N ALA A 71 13.08 -26.14 14.39
CA ALA A 71 14.46 -25.73 14.55
C ALA A 71 14.55 -24.36 15.23
N PRO A 72 15.31 -24.17 16.33
CA PRO A 72 15.46 -22.84 16.91
C PRO A 72 16.12 -21.85 15.96
N LEU A 73 15.85 -20.56 16.17
CA LEU A 73 16.56 -19.50 15.48
C LEU A 73 17.83 -19.18 16.28
N VAL A 74 19.01 -19.33 15.64
CA VAL A 74 20.28 -19.14 16.31
C VAL A 74 20.96 -17.87 15.79
N PRO A 75 21.45 -16.98 16.69
CA PRO A 75 22.20 -15.79 16.28
C PRO A 75 23.69 -16.05 16.11
N LEU A 76 24.21 -15.81 14.89
CA LEU A 76 25.64 -15.98 14.59
C LEU A 76 26.29 -14.61 14.42
N ALA A 77 27.11 -14.21 15.40
CA ALA A 77 27.74 -12.91 15.41
C ALA A 77 29.15 -12.96 14.80
N VAL A 78 29.47 -11.98 13.93
CA VAL A 78 30.83 -11.71 13.52
C VAL A 78 31.11 -10.22 13.63
N SER A 79 32.37 -9.87 13.91
CA SER A 79 32.77 -8.48 14.09
C SER A 79 34.27 -8.26 13.84
N ALA A 80 34.66 -7.00 13.64
CA ALA A 80 36.06 -6.59 13.59
C ALA A 80 36.11 -5.07 13.72
N PHE A 81 37.32 -4.53 13.87
CA PHE A 81 37.51 -3.10 13.94
C PHE A 81 37.13 -2.45 12.60
N LEU A 82 37.47 -3.12 11.50
CA LEU A 82 37.20 -2.65 10.15
C LEU A 82 36.13 -3.51 9.46
N THR A 83 35.23 -2.85 8.73
CA THR A 83 34.19 -3.55 8.00
C THR A 83 34.80 -4.56 7.02
N SER A 84 35.89 -4.17 6.35
CA SER A 84 36.55 -5.04 5.39
C SER A 84 36.97 -6.36 6.05
N ARG A 85 37.46 -6.30 7.29
CA ARG A 85 37.87 -7.50 8.01
C ARG A 85 36.64 -8.27 8.49
N LYS A 86 35.57 -7.56 8.91
CA LYS A 86 34.34 -8.24 9.28
C LYS A 86 33.83 -9.11 8.13
N LYS A 87 33.86 -8.56 6.92
CA LYS A 87 33.38 -9.23 5.73
C LYS A 87 34.23 -10.46 5.43
N ALA A 88 35.54 -10.34 5.64
CA ALA A 88 36.46 -11.45 5.45
C ALA A 88 36.18 -12.55 6.47
N ALA A 89 35.95 -12.19 7.73
CA ALA A 89 35.61 -13.17 8.75
C ALA A 89 34.29 -13.89 8.44
N ALA A 90 33.31 -13.17 7.86
CA ALA A 90 32.04 -13.76 7.50
C ALA A 90 32.24 -14.81 6.41
N ALA A 91 33.09 -14.48 5.43
CA ALA A 91 33.41 -15.37 4.32
C ALA A 91 34.17 -16.62 4.78
N GLU A 92 35.12 -16.46 5.69
CA GLU A 92 35.87 -17.59 6.23
C GLU A 92 34.93 -18.52 7.00
N LEU A 93 34.02 -17.96 7.80
CA LEU A 93 33.09 -18.76 8.58
C LEU A 93 32.17 -19.56 7.65
N ALA A 94 31.71 -18.91 6.58
CA ALA A 94 30.84 -19.55 5.62
C ALA A 94 31.55 -20.71 4.93
N ASP A 95 32.82 -20.50 4.53
CA ASP A 95 33.60 -21.56 3.92
C ASP A 95 33.79 -22.74 4.87
N TRP A 96 34.09 -22.45 6.14
CA TRP A 96 34.25 -23.51 7.13
C TRP A 96 32.92 -24.24 7.34
N MET A 97 31.81 -23.49 7.42
CA MET A 97 30.50 -24.08 7.65
C MET A 97 30.06 -24.99 6.50
N GLN A 98 30.59 -24.75 5.30
CA GLN A 98 30.37 -25.60 4.15
C GLN A 98 31.19 -26.89 4.20
N SER A 99 32.30 -26.92 4.96
CA SER A 99 33.13 -28.12 5.02
C SER A 99 32.43 -29.26 5.78
N PRO A 100 32.83 -30.52 5.59
CA PRO A 100 32.27 -31.63 6.37
C PRO A 100 32.31 -31.40 7.88
N GLU A 101 33.43 -30.85 8.39
CA GLU A 101 33.50 -30.60 9.82
C GLU A 101 32.51 -29.54 10.28
N GLY A 102 32.36 -28.48 9.48
CA GLY A 102 31.38 -27.44 9.76
C GLY A 102 29.96 -27.97 9.74
N GLN A 103 29.67 -28.84 8.76
CA GLN A 103 28.34 -29.39 8.58
C GLN A 103 27.98 -30.31 9.76
N ALA A 104 28.98 -30.97 10.36
CA ALA A 104 28.74 -31.83 11.50
C ALA A 104 28.60 -31.10 12.84
N SER A 105 28.78 -29.77 12.85
CA SER A 105 28.66 -28.98 14.05
C SER A 105 27.30 -28.31 14.12
N SER A 106 26.66 -28.38 15.29
CA SER A 106 25.37 -27.72 15.46
C SER A 106 25.52 -26.20 15.37
N LEU A 107 24.46 -25.54 14.90
CA LEU A 107 24.41 -24.09 14.86
C LEU A 107 24.59 -23.51 16.25
N GLU A 108 24.01 -24.16 17.26
CA GLU A 108 24.13 -23.68 18.62
C GLU A 108 25.60 -23.68 19.09
N SER A 109 26.36 -24.73 18.77
CA SER A 109 27.77 -24.76 19.14
C SER A 109 28.60 -23.71 18.40
N ILE A 110 28.25 -23.44 17.14
CA ILE A 110 28.90 -22.38 16.37
C ILE A 110 28.60 -21.01 16.99
N GLY A 111 27.31 -20.75 17.25
CA GLY A 111 26.89 -19.51 17.86
C GLY A 111 27.53 -19.26 19.22
N ARG A 112 27.62 -20.33 20.04
CA ARG A 112 28.23 -20.21 21.35
C ARG A 112 29.72 -19.85 21.20
N SER A 113 30.45 -20.52 20.31
CA SER A 113 31.83 -20.17 20.07
C SER A 113 32.01 -18.71 19.61
N LEU A 114 31.18 -18.28 18.65
CA LEU A 114 31.21 -16.91 18.18
C LEU A 114 30.93 -15.88 19.28
N SER A 115 30.06 -16.24 20.24
CA SER A 115 29.71 -15.35 21.33
C SER A 115 30.87 -15.05 22.28
N ARG A 116 31.89 -15.92 22.29
CA ARG A 116 33.05 -15.73 23.14
C ARG A 116 34.23 -14.99 22.48
N ARG A 117 34.08 -14.57 21.22
CA ARG A 117 35.08 -13.72 20.60
C ARG A 117 35.03 -12.31 21.20
N ASN A 118 36.08 -11.53 20.95
CA ASN A 118 36.04 -10.09 21.17
C ASN A 118 35.00 -9.53 20.21
N HIS A 119 34.27 -8.52 20.68
CA HIS A 119 33.20 -7.93 19.90
C HIS A 119 33.60 -6.54 19.46
N GLY A 120 33.99 -6.42 18.19
CA GLY A 120 34.53 -5.19 17.66
C GLY A 120 33.49 -4.16 17.26
N ARG A 121 33.99 -3.06 16.72
CA ARG A 121 33.19 -1.90 16.37
C ARG A 121 32.19 -2.17 15.24
N SER A 122 32.68 -2.87 14.20
CA SER A 122 31.88 -3.23 13.04
C SER A 122 31.31 -4.63 13.29
N ARG A 123 29.97 -4.77 13.24
CA ARG A 123 29.29 -5.98 13.67
C ARG A 123 28.23 -6.44 12.67
N ALA A 124 28.01 -7.76 12.67
CA ALA A 124 26.89 -8.34 11.96
C ALA A 124 26.36 -9.56 12.71
N VAL A 125 25.05 -9.80 12.56
CA VAL A 125 24.43 -11.02 13.04
C VAL A 125 23.62 -11.65 11.91
N VAL A 126 23.83 -12.95 11.74
CA VAL A 126 23.00 -13.78 10.87
C VAL A 126 22.11 -14.64 11.77
N LEU A 127 20.79 -14.52 11.58
CA LEU A 127 19.81 -15.32 12.29
C LEU A 127 19.44 -16.51 11.42
N ALA A 128 19.71 -17.74 11.88
CA ALA A 128 19.52 -18.92 11.05
C ALA A 128 18.95 -20.13 11.79
N HIS A 129 18.21 -20.96 11.04
CA HIS A 129 17.61 -22.16 11.56
C HIS A 129 18.43 -23.39 11.17
N ASP A 130 19.16 -23.30 10.06
CA ASP A 130 20.00 -24.39 9.58
C ASP A 130 21.24 -23.85 8.88
N HIS A 131 22.12 -24.74 8.44
CA HIS A 131 23.39 -24.35 7.84
C HIS A 131 23.23 -23.59 6.52
N ASP A 132 22.29 -24.00 5.67
CA ASP A 132 22.04 -23.32 4.41
C ASP A 132 21.69 -21.85 4.64
N GLU A 133 20.75 -21.58 5.56
CA GLU A 133 20.40 -20.21 5.89
C GLU A 133 21.57 -19.44 6.45
N ALA A 134 22.36 -20.08 7.32
CA ALA A 134 23.51 -19.43 7.93
C ALA A 134 24.52 -19.02 6.87
N ILE A 135 24.82 -19.94 5.95
CA ILE A 135 25.81 -19.70 4.91
C ILE A 135 25.36 -18.59 3.95
N LYS A 136 24.08 -18.61 3.55
CA LYS A 136 23.54 -17.57 2.68
C LYS A 136 23.63 -16.20 3.35
N GLY A 137 23.24 -16.15 4.62
CA GLY A 137 23.34 -14.93 5.41
C GLY A 137 24.78 -14.41 5.48
N LEU A 138 25.73 -15.31 5.71
CA LEU A 138 27.12 -14.91 5.84
C LEU A 138 27.69 -14.41 4.52
N ARG A 139 27.29 -15.04 3.41
CA ARG A 139 27.68 -14.57 2.09
C ARG A 139 27.18 -13.16 1.81
N ALA A 140 25.98 -12.85 2.30
CA ALA A 140 25.41 -11.52 2.15
C ALA A 140 26.18 -10.48 2.97
N VAL A 141 26.51 -10.82 4.23
CA VAL A 141 27.40 -10.00 5.04
C VAL A 141 28.74 -9.76 4.33
N ALA A 142 29.35 -10.83 3.84
CA ALA A 142 30.63 -10.70 3.15
C ALA A 142 30.55 -9.80 1.92
N ALA A 143 29.42 -9.83 1.21
CA ALA A 143 29.21 -9.06 -0.01
C ALA A 143 28.65 -7.66 0.22
N GLY A 144 28.31 -7.34 1.47
CA GLY A 144 27.72 -6.06 1.78
C GLY A 144 26.28 -5.91 1.28
N LYS A 145 25.57 -7.05 1.14
CA LYS A 145 24.20 -7.05 0.64
C LYS A 145 23.21 -7.27 1.78
N GLN A 146 22.03 -6.69 1.62
CA GLN A 146 20.95 -6.87 2.57
C GLN A 146 20.29 -8.23 2.40
N ALA A 147 19.73 -8.74 3.51
CA ALA A 147 18.96 -9.96 3.52
C ALA A 147 18.05 -9.94 4.75
N PRO A 148 16.88 -10.62 4.71
CA PRO A 148 15.89 -10.47 5.78
C PRO A 148 16.38 -10.89 7.17
N ASN A 149 17.23 -11.91 7.23
CA ASN A 149 17.70 -12.42 8.51
C ASN A 149 19.11 -11.93 8.89
N VAL A 150 19.55 -10.80 8.29
CA VAL A 150 20.89 -10.27 8.47
C VAL A 150 20.87 -8.81 8.91
N PHE A 151 21.61 -8.50 9.98
CA PHE A 151 21.84 -7.14 10.42
C PHE A 151 23.35 -6.89 10.39
N SER A 152 23.77 -5.77 9.80
CA SER A 152 25.19 -5.43 9.66
C SER A 152 25.37 -3.92 9.63
N VAL A 153 26.23 -3.40 10.52
CA VAL A 153 26.56 -1.98 10.57
C VAL A 153 28.06 -1.74 10.70
N ASP A 154 28.51 -0.54 10.29
CA ASP A 154 29.93 -0.23 10.33
C ASP A 154 30.40 0.17 11.72
N GLY A 155 29.47 0.56 12.59
CA GLY A 155 29.85 0.97 13.93
C GLY A 155 28.64 1.12 14.83
N PRO A 156 28.85 1.35 16.14
CA PRO A 156 27.73 1.47 17.08
C PRO A 156 26.89 2.74 16.88
N VAL A 157 25.62 2.64 17.26
CA VAL A 157 24.76 3.80 17.39
C VAL A 157 25.23 4.66 18.58
N THR A 158 25.08 5.98 18.48
CA THR A 158 25.66 6.91 19.45
C THR A 158 24.90 7.07 20.77
N THR A 159 23.57 6.91 20.71
CA THR A 159 22.69 7.13 21.85
C THR A 159 21.94 5.85 22.15
N GLY A 160 21.58 5.65 23.43
CA GLY A 160 20.91 4.42 23.83
C GLY A 160 19.44 4.35 23.39
N PRO A 161 18.81 3.18 23.56
CA PRO A 161 17.48 2.94 22.99
C PRO A 161 16.36 3.62 23.77
N VAL A 162 15.31 4.01 23.05
CA VAL A 162 14.05 4.40 23.67
C VAL A 162 13.12 3.20 23.68
N TRP A 163 12.69 2.78 24.88
CA TRP A 163 11.69 1.74 25.00
C TRP A 163 10.30 2.38 24.85
N VAL A 164 9.52 1.82 23.93
CA VAL A 164 8.18 2.28 23.58
C VAL A 164 7.17 1.33 24.21
N LEU A 165 6.35 1.88 25.09
CA LEU A 165 5.30 1.14 25.78
C LEU A 165 3.95 1.72 25.37
N ALA A 166 3.27 1.04 24.45
CA ALA A 166 1.97 1.45 23.95
C ALA A 166 0.98 0.36 24.32
N GLY A 167 0.33 -0.27 23.34
CA GLY A 167 -0.53 -1.41 23.64
C GLY A 167 -1.86 -1.46 22.92
N PHE A 168 -2.55 -0.33 22.81
CA PHE A 168 -3.87 -0.32 22.19
C PHE A 168 -3.82 -0.97 20.81
N GLY A 169 -4.72 -1.92 20.58
CA GLY A 169 -4.84 -2.53 19.28
C GLY A 169 -3.79 -3.61 18.98
N ALA A 170 -2.97 -3.95 19.98
CA ALA A 170 -1.93 -4.94 19.80
C ALA A 170 -2.37 -6.33 20.27
N GLN A 171 -3.52 -6.43 20.95
CA GLN A 171 -3.86 -7.65 21.66
C GLN A 171 -4.35 -8.70 20.67
N HIS A 172 -4.21 -9.96 21.08
CA HIS A 172 -4.77 -11.09 20.32
C HIS A 172 -4.87 -12.26 21.30
N ARG A 173 -5.73 -13.21 20.94
CA ARG A 173 -6.18 -14.24 21.85
C ARG A 173 -5.06 -14.97 22.61
N LYS A 174 -4.03 -15.41 21.88
CA LYS A 174 -3.01 -16.25 22.48
C LYS A 174 -1.73 -15.51 22.89
N MET A 175 -1.77 -14.17 22.93
CA MET A 175 -0.57 -13.40 23.20
C MET A 175 0.11 -13.86 24.49
N GLY A 176 1.43 -14.00 24.44
CA GLY A 176 2.24 -14.31 25.61
C GLY A 176 2.26 -15.77 26.04
N LYS A 177 1.33 -16.60 25.53
CA LYS A 177 1.20 -17.96 26.01
C LYS A 177 2.41 -18.83 25.68
N SER A 178 2.80 -18.80 24.40
CA SER A 178 3.92 -19.58 23.95
C SER A 178 5.22 -19.24 24.70
N LEU A 179 5.52 -17.95 24.85
CA LEU A 179 6.71 -17.54 25.59
C LEU A 179 6.62 -17.88 27.08
N TYR A 180 5.41 -17.80 27.67
CA TYR A 180 5.20 -18.19 29.04
C TYR A 180 5.59 -19.65 29.27
N LEU A 181 5.19 -20.52 28.33
CA LEU A 181 5.43 -21.96 28.46
C LEU A 181 6.90 -22.32 28.25
N ARG A 182 7.63 -21.49 27.49
CA ARG A 182 8.95 -21.86 27.01
C ARG A 182 10.10 -21.05 27.56
N ASN A 183 9.82 -20.00 28.33
CA ASN A 183 10.89 -19.15 28.85
C ASN A 183 10.63 -18.89 30.32
N GLU A 184 11.52 -19.39 31.19
CA GLU A 184 11.25 -19.38 32.61
C GLU A 184 11.44 -18.00 33.24
N VAL A 185 12.29 -17.16 32.66
CA VAL A 185 12.42 -15.79 33.15
C VAL A 185 11.16 -14.99 32.86
N PHE A 186 10.68 -15.05 31.61
CA PHE A 186 9.41 -14.44 31.22
C PHE A 186 8.26 -14.95 32.09
N ALA A 187 8.20 -16.27 32.28
CA ALA A 187 7.14 -16.88 33.08
C ALA A 187 7.15 -16.36 34.52
N ALA A 188 8.33 -16.23 35.10
CA ALA A 188 8.44 -15.78 36.49
C ALA A 188 7.88 -14.36 36.67
N TRP A 189 8.12 -13.48 35.69
CA TRP A 189 7.62 -12.12 35.77
C TRP A 189 6.13 -12.04 35.50
N ILE A 190 5.63 -12.86 34.55
CA ILE A 190 4.20 -12.97 34.35
C ILE A 190 3.52 -13.37 35.65
N GLU A 191 4.07 -14.36 36.37
CA GLU A 191 3.48 -14.81 37.61
C GLU A 191 3.51 -13.74 38.70
N LYS A 192 4.59 -12.95 38.72
CA LYS A 192 4.68 -11.87 39.68
C LYS A 192 3.57 -10.85 39.45
N VAL A 193 3.38 -10.42 38.20
CA VAL A 193 2.30 -9.50 37.91
C VAL A 193 0.93 -10.15 38.16
N ASP A 194 0.78 -11.42 37.79
CA ASP A 194 -0.46 -12.14 38.02
C ASP A 194 -0.85 -12.09 39.49
N ALA A 195 0.14 -12.23 40.38
CA ALA A 195 -0.13 -12.23 41.82
C ALA A 195 -0.62 -10.86 42.28
N LEU A 196 0.05 -9.81 41.77
CA LEU A 196 -0.31 -8.44 42.11
C LEU A 196 -1.70 -8.04 41.60
N VAL A 197 -2.03 -8.45 40.38
CA VAL A 197 -3.35 -8.15 39.83
C VAL A 197 -4.43 -8.97 40.53
N GLN A 198 -4.12 -10.20 40.95
CA GLN A 198 -5.05 -10.96 41.77
C GLN A 198 -5.39 -10.19 43.03
N ASP A 199 -4.37 -9.61 43.66
CA ASP A 199 -4.52 -8.88 44.90
C ASP A 199 -5.33 -7.60 44.70
N GLU A 200 -5.12 -6.91 43.57
CA GLU A 200 -5.83 -5.67 43.31
C GLU A 200 -7.26 -5.85 42.80
N LEU A 201 -7.47 -6.80 41.87
CA LEU A 201 -8.76 -6.89 41.20
C LEU A 201 -9.48 -8.22 41.42
N GLY A 202 -8.80 -9.23 41.96
CA GLY A 202 -9.45 -10.46 42.36
C GLY A 202 -9.63 -11.51 41.25
N TYR A 203 -8.88 -11.39 40.15
CA TYR A 203 -8.83 -12.45 39.15
C TYR A 203 -7.42 -12.61 38.59
N SER A 204 -7.22 -13.70 37.85
CA SER A 204 -5.93 -14.11 37.34
C SER A 204 -5.74 -13.81 35.85
N VAL A 205 -4.74 -12.99 35.51
CA VAL A 205 -4.38 -12.72 34.13
CA VAL A 205 -4.42 -12.74 34.12
C VAL A 205 -3.76 -13.96 33.48
N LEU A 206 -3.08 -14.78 34.29
CA LEU A 206 -2.43 -15.95 33.76
C LEU A 206 -3.46 -16.95 33.23
N GLU A 207 -4.62 -17.06 33.90
CA GLU A 207 -5.73 -17.87 33.39
C GLU A 207 -6.19 -17.43 32.00
N LEU A 208 -6.28 -16.11 31.79
CA LEU A 208 -6.66 -15.54 30.51
CA LEU A 208 -6.66 -15.55 30.51
C LEU A 208 -5.64 -15.93 29.44
N ILE A 209 -4.35 -15.81 29.79
CA ILE A 209 -3.29 -16.12 28.85
C ILE A 209 -3.32 -17.59 28.42
N LEU A 210 -3.57 -18.50 29.37
CA LEU A 210 -3.44 -19.93 29.11
C LEU A 210 -4.69 -20.59 28.53
N ASP A 211 -5.86 -19.97 28.74
CA ASP A 211 -7.11 -20.51 28.25
C ASP A 211 -7.44 -19.97 26.85
N ASP A 212 -7.29 -20.81 25.83
CA ASP A 212 -7.55 -20.42 24.45
C ASP A 212 -9.02 -20.09 24.20
N ALA A 213 -9.93 -20.54 25.07
CA ALA A 213 -11.33 -20.19 24.94
C ALA A 213 -11.67 -18.76 25.34
N GLN A 214 -10.78 -18.10 26.08
CA GLN A 214 -11.02 -16.75 26.57
C GLN A 214 -10.36 -15.71 25.67
N ASP A 215 -11.03 -14.57 25.50
CA ASP A 215 -10.46 -13.43 24.79
C ASP A 215 -10.58 -12.18 25.67
N TYR A 216 -10.06 -11.05 25.16
CA TYR A 216 -9.80 -9.85 25.93
C TYR A 216 -10.82 -8.74 25.65
N GLY A 217 -11.16 -7.97 26.69
CA GLY A 217 -12.02 -6.81 26.53
C GLY A 217 -11.29 -5.54 26.95
N ILE A 218 -12.04 -4.44 27.17
CA ILE A 218 -11.41 -3.16 27.47
C ILE A 218 -10.57 -3.26 28.73
N GLU A 219 -11.11 -3.88 29.78
CA GLU A 219 -10.36 -4.02 31.02
C GLU A 219 -9.19 -5.00 30.88
N THR A 220 -9.49 -6.25 30.49
CA THR A 220 -8.50 -7.31 30.59
C THR A 220 -7.36 -7.16 29.58
N THR A 221 -7.64 -6.50 28.44
CA THR A 221 -6.58 -6.17 27.50
C THR A 221 -5.48 -5.39 28.20
N GLN A 222 -5.87 -4.41 29.01
CA GLN A 222 -4.93 -3.47 29.59
C GLN A 222 -4.01 -4.13 30.61
N VAL A 223 -4.60 -4.88 31.55
CA VAL A 223 -3.83 -5.51 32.60
C VAL A 223 -2.97 -6.64 32.05
N THR A 224 -3.45 -7.34 31.01
CA THR A 224 -2.69 -8.45 30.45
C THR A 224 -1.52 -7.94 29.62
N ILE A 225 -1.74 -6.92 28.78
CA ILE A 225 -0.63 -6.32 28.05
C ILE A 225 0.39 -5.72 28.99
N PHE A 226 -0.07 -5.09 30.09
CA PHE A 226 0.84 -4.59 31.11
C PHE A 226 1.70 -5.74 31.61
N ALA A 227 1.08 -6.88 31.94
CA ALA A 227 1.86 -8.02 32.44
C ALA A 227 2.93 -8.44 31.43
N ILE A 228 2.56 -8.47 30.14
CA ILE A 228 3.45 -8.89 29.09
C ILE A 228 4.59 -7.88 28.92
N GLN A 229 4.25 -6.58 29.02
CA GLN A 229 5.23 -5.52 28.93
C GLN A 229 6.29 -5.64 30.03
N ILE A 230 5.83 -5.82 31.28
CA ILE A 230 6.73 -6.00 32.40
C ILE A 230 7.64 -7.20 32.16
N ALA A 231 7.03 -8.34 31.79
CA ALA A 231 7.79 -9.57 31.65
C ALA A 231 8.79 -9.49 30.49
N LEU A 232 8.39 -8.90 29.36
CA LEU A 232 9.30 -8.71 28.24
C LEU A 232 10.51 -7.85 28.61
N GLY A 233 10.25 -6.72 29.30
CA GLY A 233 11.32 -5.80 29.63
C GLY A 233 12.28 -6.39 30.65
N GLU A 234 11.76 -7.15 31.61
CA GLU A 234 12.62 -7.81 32.59
C GLU A 234 13.40 -8.98 31.98
N LEU A 235 12.82 -9.65 30.98
CA LEU A 235 13.55 -10.62 30.20
C LEU A 235 14.76 -9.98 29.54
N LEU A 236 14.52 -8.84 28.87
CA LEU A 236 15.60 -8.09 28.25
C LEU A 236 16.67 -7.67 29.28
N ARG A 237 16.24 -7.19 30.45
CA ARG A 237 17.19 -6.79 31.47
C ARG A 237 18.02 -7.98 31.96
N HIS A 238 17.37 -9.15 32.04
CA HIS A 238 18.06 -10.37 32.42
C HIS A 238 19.25 -10.63 31.48
N HIS A 239 19.13 -10.24 30.22
CA HIS A 239 20.17 -10.46 29.22
C HIS A 239 21.14 -9.27 29.07
N GLY A 240 21.07 -8.31 29.99
CA GLY A 240 21.98 -7.18 30.02
C GLY A 240 21.45 -5.86 29.44
N ALA A 241 20.21 -5.84 28.92
CA ALA A 241 19.69 -4.65 28.27
C ALA A 241 19.12 -3.65 29.27
N LYS A 242 19.01 -2.40 28.81
CA LYS A 242 18.42 -1.35 29.61
C LYS A 242 17.99 -0.19 28.73
N PRO A 243 16.89 0.50 29.05
CA PRO A 243 16.47 1.67 28.28
C PRO A 243 17.34 2.87 28.64
N ALA A 244 17.65 3.69 27.64
CA ALA A 244 18.21 5.01 27.91
C ALA A 244 17.06 5.96 28.23
N ALA A 245 15.90 5.70 27.65
CA ALA A 245 14.70 6.49 27.93
C ALA A 245 13.49 5.62 27.64
N VAL A 246 12.34 6.07 28.14
CA VAL A 246 11.06 5.44 27.85
C VAL A 246 10.10 6.48 27.27
N ILE A 247 9.11 5.97 26.52
CA ILE A 247 7.96 6.73 26.10
C ILE A 247 6.74 5.81 26.18
N GLY A 248 5.65 6.37 26.71
CA GLY A 248 4.40 5.64 26.85
C GLY A 248 3.30 6.13 25.90
N GLN A 249 2.35 5.25 25.63
CA GLN A 249 1.15 5.64 24.91
C GLN A 249 -0.04 4.95 25.60
N SER A 250 -0.87 5.86 26.44
CA SER A 250 -2.14 5.59 27.08
C SER A 250 -1.96 4.43 28.03
N LEU A 251 -2.42 2.87 27.53
CA LEU A 251 -2.27 1.88 28.58
C LEU A 251 -0.81 1.60 28.95
N GLY A 252 0.12 1.84 28.01
CA GLY A 252 1.53 1.62 28.25
C GLY A 252 2.21 2.55 29.27
N GLU A 253 1.56 3.65 29.67
CA GLU A 253 2.20 4.63 30.52
C GLU A 253 2.63 3.98 31.84
N ALA A 254 1.81 3.10 32.39
CA ALA A 254 2.08 2.48 33.67
C ALA A 254 3.36 1.64 33.63
N ALA A 255 3.52 0.81 32.60
CA ALA A 255 4.75 0.05 32.43
C ALA A 255 5.95 0.97 32.21
N SER A 256 5.75 2.07 31.47
CA SER A 256 6.83 3.01 31.22
C SER A 256 7.33 3.58 32.56
N ALA A 257 6.40 3.83 33.48
CA ALA A 257 6.76 4.40 34.78
C ALA A 257 7.62 3.42 35.58
N TYR A 258 7.27 2.13 35.52
CA TYR A 258 8.07 1.10 36.17
C TYR A 258 9.48 1.04 35.59
N PHE A 259 9.62 0.95 34.27
CA PHE A 259 10.95 0.80 33.68
C PHE A 259 11.81 2.05 33.84
N ALA A 260 11.17 3.21 34.01
CA ALA A 260 11.88 4.44 34.28
C ALA A 260 12.21 4.64 35.75
N GLY A 261 11.89 3.66 36.60
CA GLY A 261 12.16 3.77 38.03
C GLY A 261 11.33 4.83 38.74
N GLY A 262 10.18 5.20 38.15
CA GLY A 262 9.31 6.21 38.72
C GLY A 262 8.25 5.67 39.69
N LEU A 263 7.95 4.35 39.59
CA LEU A 263 7.07 3.66 40.49
C LEU A 263 7.58 2.25 40.69
N SER A 264 7.40 1.72 41.91
CA SER A 264 7.58 0.30 42.15
C SER A 264 6.65 -0.52 41.26
N LEU A 265 6.91 -1.82 41.19
CA LEU A 265 6.06 -2.70 40.41
C LEU A 265 4.64 -2.69 40.98
N ARG A 266 4.53 -2.75 42.31
CA ARG A 266 3.24 -2.66 42.97
C ARG A 266 2.47 -1.41 42.54
N ASP A 267 3.12 -0.25 42.55
CA ASP A 267 2.39 0.98 42.32
C ASP A 267 2.05 1.19 40.84
N ALA A 268 2.90 0.70 39.94
CA ALA A 268 2.59 0.68 38.52
C ALA A 268 1.40 -0.23 38.24
N THR A 269 1.33 -1.35 38.97
CA THR A 269 0.21 -2.26 38.87
C THR A 269 -1.07 -1.58 39.36
N ARG A 270 -0.98 -0.80 40.45
CA ARG A 270 -2.14 -0.05 40.92
C ARG A 270 -2.61 0.95 39.86
N ALA A 271 -1.65 1.60 39.18
CA ALA A 271 -1.99 2.58 38.16
C ALA A 271 -2.75 1.94 37.00
N ILE A 272 -2.29 0.77 36.53
CA ILE A 272 -2.97 0.14 35.41
C ILE A 272 -4.31 -0.48 35.86
N CYS A 273 -4.34 -1.11 37.04
CA CYS A 273 -5.56 -1.74 37.51
C CYS A 273 -6.69 -0.74 37.71
N SER A 274 -6.39 0.41 38.31
CA SER A 274 -7.39 1.41 38.59
CA SER A 274 -7.40 1.40 38.60
C SER A 274 -8.05 1.93 37.31
N ARG A 275 -7.23 2.36 36.35
CA ARG A 275 -7.80 2.87 35.11
C ARG A 275 -8.50 1.77 34.33
N SER A 276 -8.00 0.53 34.36
CA SER A 276 -8.55 -0.55 33.53
CA SER A 276 -8.55 -0.55 33.53
C SER A 276 -9.98 -0.89 33.91
N HIS A 277 -10.21 -1.18 35.20
CA HIS A 277 -11.55 -1.58 35.59
C HIS A 277 -12.55 -0.42 35.51
N LEU A 278 -12.12 0.82 35.81
CA LEU A 278 -13.02 1.97 35.70
C LEU A 278 -13.44 2.19 34.24
N MET A 279 -12.50 2.06 33.32
CA MET A 279 -12.78 2.23 31.90
C MET A 279 -13.73 1.14 31.44
N GLY A 280 -13.46 -0.10 31.84
CA GLY A 280 -14.23 -1.24 31.41
C GLY A 280 -15.67 -1.19 31.89
N GLU A 281 -15.83 -0.82 33.17
CA GLU A 281 -17.14 -0.72 33.78
C GLU A 281 -17.90 0.47 33.20
N GLY A 282 -17.20 1.60 33.03
CA GLY A 282 -17.84 2.78 32.48
C GLY A 282 -18.36 2.54 31.06
N GLU A 283 -17.53 1.90 30.23
CA GLU A 283 -17.85 1.72 28.83
C GLU A 283 -19.04 0.78 28.62
N ALA A 284 -19.09 -0.27 29.45
CA ALA A 284 -20.15 -1.27 29.35
C ALA A 284 -21.54 -0.70 29.62
N MET A 285 -21.62 0.40 30.39
CA MET A 285 -22.91 0.99 30.71
CA MET A 285 -22.88 1.03 30.75
C MET A 285 -23.33 2.12 29.78
N LEU A 286 -22.58 2.34 28.67
CA LEU A 286 -22.95 3.41 27.75
C LEU A 286 -23.95 2.99 26.67
N PHE A 287 -25.02 3.77 26.52
CA PHE A 287 -26.01 3.55 25.48
C PHE A 287 -26.53 4.86 24.92
N GLY A 288 -27.14 4.79 23.73
CA GLY A 288 -27.82 5.93 23.14
C GLY A 288 -26.98 7.20 23.07
N GLU A 289 -27.49 8.28 23.65
CA GLU A 289 -26.81 9.57 23.57
C GLU A 289 -25.51 9.65 24.37
N TYR A 290 -25.24 8.67 25.23
CA TYR A 290 -24.04 8.68 26.05
C TYR A 290 -22.82 8.10 25.32
N ILE A 291 -23.07 7.37 24.23
CA ILE A 291 -22.01 6.73 23.47
C ILE A 291 -21.09 7.79 22.88
N ARG A 292 -19.77 7.57 22.99
CA ARG A 292 -18.79 8.38 22.32
C ARG A 292 -17.81 7.48 21.58
N LEU A 293 -17.67 7.69 20.27
CA LEU A 293 -16.83 6.86 19.42
C LEU A 293 -15.39 7.38 19.38
N MET A 294 -14.47 6.50 18.99
CA MET A 294 -13.07 6.85 18.77
C MET A 294 -12.72 6.41 17.35
N ALA A 295 -11.91 7.22 16.64
CA ALA A 295 -11.54 6.90 15.26
C ALA A 295 -10.17 7.50 14.92
N LEU A 296 -9.40 6.76 14.13
CA LEU A 296 -8.15 7.23 13.55
C LEU A 296 -8.48 7.96 12.25
N VAL A 297 -8.04 9.21 12.13
CA VAL A 297 -8.17 9.93 10.86
C VAL A 297 -6.80 10.44 10.42
N GLU A 298 -6.61 10.48 9.10
CA GLU A 298 -5.40 10.98 8.49
C GLU A 298 -5.42 12.51 8.38
N TYR A 299 -5.45 13.17 9.53
CA TYR A 299 -5.32 14.61 9.63
C TYR A 299 -4.24 14.91 10.67
N SER A 300 -3.44 15.94 10.37
CA SER A 300 -2.42 16.47 11.28
C SER A 300 -3.09 17.34 12.34
N ALA A 301 -2.36 17.68 13.40
CA ALA A 301 -2.85 18.61 14.41
C ALA A 301 -3.34 19.93 13.81
N ASP A 302 -2.57 20.47 12.86
CA ASP A 302 -2.94 21.73 12.24
C ASP A 302 -4.22 21.61 11.41
N GLU A 303 -4.36 20.51 10.65
CA GLU A 303 -5.58 20.27 9.90
C GLU A 303 -6.78 20.10 10.85
N ILE A 304 -6.59 19.31 11.92
CA ILE A 304 -7.60 19.13 12.95
C ILE A 304 -8.13 20.44 13.48
N ARG A 305 -7.24 21.39 13.79
CA ARG A 305 -7.68 22.67 14.32
C ARG A 305 -8.72 23.37 13.44
N GLU A 306 -8.52 23.35 12.12
CA GLU A 306 -9.47 23.85 11.15
C GLU A 306 -10.69 22.96 10.93
N VAL A 307 -10.47 21.64 10.81
CA VAL A 307 -11.55 20.71 10.52
C VAL A 307 -12.58 20.70 11.65
N PHE A 308 -12.10 20.80 12.90
CA PHE A 308 -12.97 20.78 14.07
C PHE A 308 -13.89 21.99 14.21
N SER A 309 -13.69 23.07 13.46
CA SER A 309 -14.64 24.17 13.57
C SER A 309 -16.05 23.77 13.14
N ASP A 310 -16.16 22.67 12.39
CA ASP A 310 -17.44 22.18 11.92
C ASP A 310 -18.08 21.18 12.89
N PHE A 311 -17.29 20.66 13.83
CA PHE A 311 -17.69 19.59 14.73
C PHE A 311 -17.41 20.01 16.16
N PRO A 312 -18.33 20.72 16.83
CA PRO A 312 -18.01 21.37 18.12
C PRO A 312 -17.76 20.44 19.31
N ASP A 313 -18.09 19.15 19.24
CA ASP A 313 -17.84 18.25 20.35
C ASP A 313 -16.72 17.24 20.15
N LEU A 314 -16.02 17.27 19.02
CA LEU A 314 -14.90 16.36 18.81
C LEU A 314 -13.70 16.83 19.64
N GLU A 315 -12.97 15.87 20.18
CA GLU A 315 -11.76 16.09 20.95
C GLU A 315 -10.64 15.21 20.36
N VAL A 316 -9.39 15.60 20.63
CA VAL A 316 -8.23 14.80 20.26
C VAL A 316 -7.90 13.84 21.39
N CYS A 317 -7.82 12.54 21.06
CA CYS A 317 -7.42 11.49 21.99
C CYS A 317 -5.90 11.24 21.92
N VAL A 318 -5.40 10.97 20.70
CA VAL A 318 -3.98 10.70 20.50
C VAL A 318 -3.44 11.41 19.27
N TYR A 319 -2.42 12.24 19.44
CA TYR A 319 -1.60 12.67 18.32
C TYR A 319 -0.61 11.55 18.00
N ALA A 320 -0.98 10.67 17.06
CA ALA A 320 -0.30 9.41 16.87
C ALA A 320 0.95 9.53 15.98
N ALA A 321 0.82 10.27 14.89
CA ALA A 321 1.86 10.48 13.90
C ALA A 321 1.63 11.84 13.24
N PRO A 322 2.59 12.37 12.45
CA PRO A 322 2.47 13.74 11.93
C PRO A 322 1.14 13.98 11.22
N THR A 323 0.66 13.00 10.46
CA THR A 323 -0.61 13.12 9.76
C THR A 323 -1.66 12.09 10.19
N GLN A 324 -1.54 11.52 11.39
CA GLN A 324 -2.55 10.62 11.91
C GLN A 324 -2.94 11.01 13.33
N THR A 325 -4.24 11.21 13.56
CA THR A 325 -4.76 11.63 14.85
C THR A 325 -5.98 10.77 15.23
N VAL A 326 -6.02 10.30 16.48
CA VAL A 326 -7.17 9.60 17.01
C VAL A 326 -8.06 10.66 17.66
N ILE A 327 -9.31 10.71 17.21
CA ILE A 327 -10.31 11.66 17.66
C ILE A 327 -11.45 10.91 18.34
N GLY A 328 -12.23 11.64 19.14
CA GLY A 328 -13.38 11.09 19.82
C GLY A 328 -14.50 12.09 20.01
N GLY A 329 -15.72 11.59 20.15
CA GLY A 329 -16.89 12.41 20.40
C GLY A 329 -18.20 11.75 19.95
N PRO A 330 -19.27 12.53 19.82
CA PRO A 330 -20.58 11.98 19.50
C PRO A 330 -20.56 11.23 18.16
N PRO A 331 -21.28 10.10 18.05
CA PRO A 331 -21.30 9.30 16.82
C PRO A 331 -21.55 10.08 15.52
N GLU A 332 -22.56 10.96 15.53
CA GLU A 332 -22.91 11.67 14.30
C GLU A 332 -21.72 12.52 13.80
N GLN A 333 -21.00 13.14 14.74
CA GLN A 333 -19.88 14.01 14.39
C GLN A 333 -18.68 13.18 13.94
N VAL A 334 -18.43 12.06 14.64
CA VAL A 334 -17.39 11.13 14.25
C VAL A 334 -17.66 10.58 12.84
N ASP A 335 -18.90 10.18 12.56
CA ASP A 335 -19.25 9.71 11.23
C ASP A 335 -19.06 10.77 10.15
N ALA A 336 -19.36 12.04 10.49
CA ALA A 336 -19.23 13.11 9.53
C ALA A 336 -17.76 13.42 9.22
N ILE A 337 -16.90 13.44 10.23
CA ILE A 337 -15.47 13.67 9.96
C ILE A 337 -14.85 12.52 9.17
N LEU A 338 -15.25 11.26 9.45
CA LEU A 338 -14.83 10.12 8.63
C LEU A 338 -15.27 10.30 7.17
N ALA A 339 -16.50 10.73 6.95
CA ALA A 339 -17.01 10.96 5.61
C ALA A 339 -16.22 12.08 4.92
N ARG A 340 -15.86 13.12 5.66
CA ARG A 340 -15.09 14.22 5.09
C ARG A 340 -13.71 13.72 4.67
N ALA A 341 -13.10 12.90 5.53
CA ALA A 341 -11.79 12.35 5.24
C ALA A 341 -11.81 11.48 3.98
N GLU A 342 -12.79 10.58 3.86
CA GLU A 342 -12.88 9.71 2.69
C GLU A 342 -13.11 10.51 1.42
N ALA A 343 -13.88 11.60 1.50
CA ALA A 343 -14.13 12.45 0.35
C ALA A 343 -12.87 13.20 -0.10
N GLU A 344 -11.87 13.33 0.79
CA GLU A 344 -10.61 13.98 0.49
C GLU A 344 -9.45 13.00 0.30
N GLY A 345 -9.78 11.72 0.14
CA GLY A 345 -8.79 10.67 -0.08
C GLY A 345 -7.94 10.34 1.13
N LYS A 346 -8.43 10.63 2.34
CA LYS A 346 -7.67 10.36 3.55
C LYS A 346 -8.22 9.14 4.27
N PHE A 347 -7.30 8.41 4.89
CA PHE A 347 -7.64 7.24 5.68
C PHE A 347 -8.49 7.60 6.90
N ALA A 348 -9.46 6.73 7.24
CA ALA A 348 -10.28 6.92 8.42
C ALA A 348 -10.85 5.58 8.88
N ARG A 349 -10.67 5.26 10.17
CA ARG A 349 -11.13 3.99 10.71
C ARG A 349 -11.67 4.12 12.14
N LYS A 350 -12.84 3.55 12.36
CA LYS A 350 -13.52 3.59 13.65
C LYS A 350 -13.02 2.45 14.53
N PHE A 351 -12.77 2.73 15.82
CA PHE A 351 -12.43 1.70 16.78
C PHE A 351 -13.68 1.08 17.41
N ALA A 352 -13.50 -0.09 18.01
CA ALA A 352 -14.59 -0.84 18.62
C ALA A 352 -14.64 -0.46 20.10
N THR A 353 -15.35 0.63 20.37
CA THR A 353 -15.57 1.10 21.74
C THR A 353 -16.78 2.03 21.70
N LYS A 354 -17.57 1.99 22.77
CA LYS A 354 -18.69 2.89 22.95
C LYS A 354 -18.30 4.10 23.80
N GLY A 355 -17.04 4.12 24.27
CA GLY A 355 -16.51 5.19 25.10
C GLY A 355 -15.23 5.79 24.51
N ALA A 356 -14.99 7.09 24.77
CA ALA A 356 -13.78 7.74 24.30
C ALA A 356 -12.81 8.12 25.41
N SER A 357 -11.72 7.37 25.55
CA SER A 357 -10.69 7.72 26.52
C SER A 357 -10.01 8.99 26.05
N HIS A 358 -9.32 9.71 26.97
CA HIS A 358 -8.61 10.93 26.64
C HIS A 358 -9.53 12.03 26.12
N THR A 359 -10.80 12.01 26.59
CA THR A 359 -11.76 13.06 26.35
C THR A 359 -12.48 13.42 27.66
N SER A 360 -13.32 14.46 27.61
CA SER A 360 -14.15 14.88 28.75
C SER A 360 -15.10 13.81 29.29
N GLN A 361 -15.41 12.80 28.48
CA GLN A 361 -16.21 11.68 28.95
C GLN A 361 -15.55 10.90 30.12
N MET A 362 -14.24 11.07 30.31
CA MET A 362 -13.58 10.42 31.43
C MET A 362 -13.80 11.13 32.77
N ASP A 363 -14.33 12.36 32.72
CA ASP A 363 -14.46 13.16 33.94
C ASP A 363 -15.14 12.43 35.09
N PRO A 364 -16.25 11.71 34.89
CA PRO A 364 -16.90 11.01 36.01
C PRO A 364 -16.10 9.88 36.65
N LEU A 365 -15.00 9.43 36.03
CA LEU A 365 -14.16 8.39 36.60
C LEU A 365 -13.05 8.91 37.51
N LEU A 366 -12.78 10.21 37.44
CA LEU A 366 -11.54 10.76 37.99
C LEU A 366 -11.52 10.79 39.51
N GLY A 367 -12.69 11.04 40.13
CA GLY A 367 -12.80 11.01 41.59
C GLY A 367 -12.48 9.63 42.16
N GLU A 368 -13.03 8.58 41.56
CA GLU A 368 -12.74 7.22 41.99
C GLU A 368 -11.29 6.80 41.69
N LEU A 369 -10.76 7.24 40.53
CA LEU A 369 -9.37 6.97 40.22
C LEU A 369 -8.43 7.58 41.27
N THR A 370 -8.72 8.82 41.67
CA THR A 370 -8.02 9.48 42.76
C THR A 370 -8.02 8.68 44.05
N ALA A 371 -9.21 8.24 44.47
CA ALA A 371 -9.35 7.51 45.72
C ALA A 371 -8.56 6.20 45.68
N GLU A 372 -8.63 5.48 44.56
CA GLU A 372 -7.96 4.19 44.47
C GLU A 372 -6.43 4.26 44.40
N LEU A 373 -5.88 5.42 44.04
CA LEU A 373 -4.43 5.55 43.93
C LEU A 373 -3.76 6.21 45.14
N GLN A 374 -4.54 6.58 46.16
CA GLN A 374 -3.97 7.18 47.36
C GLN A 374 -2.91 6.26 47.93
N GLY A 375 -1.75 6.82 48.24
CA GLY A 375 -0.67 6.06 48.85
C GLY A 375 0.43 5.60 47.90
N ILE A 376 0.26 5.77 46.58
CA ILE A 376 1.35 5.45 45.67
C ILE A 376 2.54 6.39 45.97
N LYS A 377 3.75 5.92 45.63
CA LYS A 377 4.97 6.62 45.99
C LYS A 377 5.83 6.91 44.76
N PRO A 378 5.64 8.08 44.11
CA PRO A 378 6.42 8.46 42.93
C PRO A 378 7.91 8.63 43.28
N THR A 379 8.79 8.04 42.48
CA THR A 379 10.21 8.13 42.73
C THR A 379 10.94 8.83 41.59
N SER A 380 12.16 9.29 41.89
CA SER A 380 13.02 9.95 40.94
C SER A 380 13.41 8.99 39.81
N PRO A 381 13.16 9.32 38.53
CA PRO A 381 13.47 8.41 37.44
C PRO A 381 14.95 8.02 37.35
N THR A 382 15.19 6.78 36.94
CA THR A 382 16.53 6.26 36.72
C THR A 382 16.91 6.23 35.24
N CYS A 383 15.95 6.52 34.35
CA CYS A 383 16.32 6.81 32.97
C CYS A 383 15.47 7.97 32.50
N GLY A 384 15.72 8.44 31.27
CA GLY A 384 14.95 9.54 30.71
C GLY A 384 13.52 9.12 30.42
N ILE A 385 12.62 10.12 30.45
CA ILE A 385 11.21 9.93 30.10
C ILE A 385 10.82 11.00 29.09
N PHE A 386 10.28 10.57 27.93
CA PHE A 386 9.52 11.47 27.08
C PHE A 386 8.06 11.29 27.50
N SER A 387 7.54 12.28 28.23
CA SER A 387 6.19 12.18 28.79
C SER A 387 5.14 12.65 27.80
N THR A 388 4.39 11.70 27.22
CA THR A 388 3.32 12.02 26.30
C THR A 388 2.09 12.55 27.03
N VAL A 389 2.04 12.39 28.35
CA VAL A 389 1.05 13.06 29.19
C VAL A 389 1.37 14.56 29.27
N HIS A 390 2.62 14.89 29.59
CA HIS A 390 3.07 16.28 29.62
C HIS A 390 3.58 16.75 28.26
N GLU A 391 2.70 16.66 27.26
CA GLU A 391 2.88 17.28 25.96
C GLU A 391 4.16 16.87 25.22
N GLY A 392 4.72 15.70 25.57
CA GLY A 392 5.91 15.16 24.94
C GLY A 392 7.26 15.65 25.46
N ARG A 393 7.26 16.41 26.56
CA ARG A 393 8.49 16.94 27.11
C ARG A 393 9.34 15.88 27.81
N TYR A 394 10.64 16.16 27.90
CA TYR A 394 11.62 15.23 28.40
C TYR A 394 11.92 15.48 29.87
N ILE A 395 12.03 14.40 30.64
CA ILE A 395 12.47 14.46 32.02
C ILE A 395 13.74 13.65 32.15
N LYS A 396 14.79 14.29 32.70
CA LYS A 396 16.10 13.70 32.78
C LYS A 396 16.15 12.66 33.90
N PRO A 397 17.02 11.64 33.81
CA PRO A 397 17.25 10.75 34.94
C PRO A 397 17.66 11.59 36.15
N GLY A 398 17.21 11.23 37.35
CA GLY A 398 17.56 11.94 38.57
C GLY A 398 16.72 13.20 38.82
N GLY A 399 15.83 13.53 37.89
CA GLY A 399 14.94 14.66 38.08
C GLY A 399 13.87 14.38 39.12
N GLU A 400 13.01 15.39 39.34
CA GLU A 400 11.91 15.28 40.27
C GLU A 400 10.94 14.19 39.83
N PRO A 401 10.30 13.46 40.77
CA PRO A 401 9.26 12.50 40.41
C PRO A 401 8.12 13.16 39.64
N ILE A 402 7.55 12.43 38.67
CA ILE A 402 6.38 12.91 37.96
C ILE A 402 5.12 12.07 38.18
N HIS A 403 5.27 10.83 38.66
CA HIS A 403 4.20 9.84 38.55
C HIS A 403 3.22 9.83 39.74
N ASP A 404 2.76 11.04 40.13
CA ASP A 404 1.82 11.18 41.23
C ASP A 404 0.39 10.90 40.77
N VAL A 405 -0.58 10.92 41.69
CA VAL A 405 -1.98 10.68 41.38
C VAL A 405 -2.50 11.57 40.26
N GLU A 406 -2.17 12.86 40.30
CA GLU A 406 -2.59 13.80 39.28
C GLU A 406 -2.05 13.42 37.90
N TYR A 407 -0.87 12.79 37.84
CA TYR A 407 -0.33 12.32 36.59
C TYR A 407 -1.25 11.28 35.91
N TRP A 408 -1.76 10.32 36.69
CA TRP A 408 -2.59 9.24 36.15
C TRP A 408 -3.96 9.76 35.74
N LYS A 409 -4.49 10.74 36.50
CA LYS A 409 -5.72 11.43 36.13
C LYS A 409 -5.59 12.21 34.82
N LYS A 410 -4.55 13.04 34.74
CA LYS A 410 -4.28 13.80 33.53
C LYS A 410 -4.09 12.86 32.34
N GLY A 411 -3.35 11.77 32.57
CA GLY A 411 -3.07 10.78 31.55
C GLY A 411 -4.34 10.21 30.93
N LEU A 412 -5.30 9.82 31.78
CA LEU A 412 -6.54 9.23 31.32
C LEU A 412 -7.46 10.25 30.64
N ARG A 413 -7.46 11.47 31.18
CA ARG A 413 -8.39 12.50 30.75
C ARG A 413 -7.96 13.24 29.49
N HIS A 414 -6.68 13.53 29.35
CA HIS A 414 -6.19 14.44 28.32
C HIS A 414 -5.45 13.72 27.21
N SER A 415 -5.22 14.44 26.10
CA SER A 415 -4.60 13.90 24.91
C SER A 415 -3.21 13.31 25.14
N VAL A 416 -2.86 12.38 24.25
CA VAL A 416 -1.58 11.69 24.26
C VAL A 416 -0.73 12.31 23.16
N TYR A 417 0.34 12.99 23.57
CA TYR A 417 1.24 13.65 22.64
C TYR A 417 2.34 12.69 22.21
N PHE A 418 1.96 11.64 21.46
CA PHE A 418 2.88 10.57 21.10
C PHE A 418 3.88 11.02 20.04
N THR A 419 3.36 11.55 18.92
CA THR A 419 4.24 12.00 17.85
C THR A 419 5.22 13.06 18.37
N HIS A 420 4.76 13.96 19.26
CA HIS A 420 5.61 14.99 19.84
C HIS A 420 6.75 14.41 20.68
N GLY A 421 6.43 13.38 21.48
CA GLY A 421 7.46 12.69 22.24
C GLY A 421 8.53 12.04 21.36
N ILE A 422 8.09 11.35 20.28
CA ILE A 422 9.02 10.70 19.38
C ILE A 422 9.91 11.75 18.69
N ARG A 423 9.30 12.84 18.24
CA ARG A 423 10.04 13.89 17.57
C ARG A 423 11.09 14.52 18.49
N ASN A 424 10.71 14.74 19.76
CA ASN A 424 11.65 15.23 20.76
C ASN A 424 12.82 14.25 20.94
N ALA A 425 12.52 12.95 20.93
CA ALA A 425 13.56 11.94 21.05
C ALA A 425 14.49 11.97 19.83
N VAL A 426 13.93 12.08 18.63
CA VAL A 426 14.73 12.15 17.42
C VAL A 426 15.60 13.40 17.46
N ASP A 427 15.00 14.54 17.85
CA ASP A 427 15.73 15.80 17.89
C ASP A 427 16.84 15.82 18.94
N SER A 428 16.77 14.94 19.95
CA SER A 428 17.86 14.85 20.91
C SER A 428 18.84 13.71 20.63
N GLY A 429 18.79 13.11 19.43
CA GLY A 429 19.80 12.17 18.99
C GLY A 429 19.46 10.69 19.12
N HIS A 430 18.23 10.35 19.53
CA HIS A 430 17.83 8.96 19.63
C HIS A 430 17.46 8.41 18.24
N THR A 431 17.92 7.19 17.96
CA THR A 431 17.66 6.54 16.69
C THR A 431 17.09 5.12 16.81
N THR A 432 17.31 4.48 17.97
CA THR A 432 16.82 3.14 18.24
C THR A 432 15.56 3.25 19.09
N PHE A 433 14.45 2.68 18.59
CA PHE A 433 13.18 2.63 19.28
C PHE A 433 12.78 1.16 19.36
N LEU A 434 12.62 0.66 20.59
CA LEU A 434 12.33 -0.75 20.82
C LEU A 434 10.94 -0.86 21.47
N GLU A 435 10.03 -1.56 20.80
CA GLU A 435 8.65 -1.65 21.28
C GLU A 435 8.40 -2.95 22.03
N LEU A 436 7.92 -2.83 23.27
CA LEU A 436 7.58 -3.96 24.11
C LEU A 436 6.08 -4.18 23.96
N ALA A 437 5.69 -5.26 23.27
CA ALA A 437 4.30 -5.44 22.92
C ALA A 437 4.04 -6.84 22.41
N PRO A 438 2.77 -7.30 22.46
CA PRO A 438 2.36 -8.55 21.81
C PRO A 438 2.27 -8.45 20.28
N ASN A 439 2.26 -7.22 19.75
CA ASN A 439 2.28 -6.95 18.32
C ASN A 439 2.83 -5.55 18.12
N PRO A 440 3.71 -5.28 17.12
CA PRO A 440 4.39 -4.00 17.01
C PRO A 440 3.62 -2.86 16.30
N VAL A 441 2.43 -2.56 16.81
CA VAL A 441 1.59 -1.55 16.19
CA VAL A 441 1.55 -1.53 16.27
C VAL A 441 2.13 -0.13 16.34
N ALA A 442 2.69 0.22 17.50
CA ALA A 442 3.18 1.58 17.70
C ALA A 442 4.43 1.89 16.88
N LEU A 443 5.25 0.86 16.61
CA LEU A 443 6.42 1.06 15.77
C LEU A 443 6.10 1.65 14.40
N MET A 444 4.93 1.29 13.84
CA MET A 444 4.51 1.86 12.57
C MET A 444 4.30 3.37 12.71
N GLN A 445 3.74 3.80 13.85
CA GLN A 445 3.56 5.21 14.12
C GLN A 445 4.90 5.93 14.30
N VAL A 446 5.83 5.29 15.02
CA VAL A 446 7.16 5.84 15.20
C VAL A 446 7.86 6.10 13.87
N ALA A 447 7.79 5.11 12.97
CA ALA A 447 8.44 5.17 11.67
C ALA A 447 7.97 6.38 10.88
N LEU A 448 6.68 6.72 10.99
CA LEU A 448 6.16 7.90 10.32
C LEU A 448 6.75 9.20 10.88
N THR A 449 6.91 9.27 12.20
CA THR A 449 7.47 10.47 12.82
C THR A 449 8.97 10.58 12.54
N THR A 450 9.70 9.47 12.66
CA THR A 450 11.15 9.50 12.40
C THR A 450 11.43 9.99 10.97
N ALA A 451 10.74 9.40 9.99
CA ALA A 451 10.90 9.81 8.59
C ALA A 451 10.56 11.28 8.40
N ASP A 452 9.51 11.76 9.07
CA ASP A 452 9.09 13.15 8.93
C ASP A 452 10.11 14.12 9.51
N ALA A 453 10.84 13.68 10.54
CA ALA A 453 11.84 14.49 11.20
C ALA A 453 13.18 14.45 10.49
N GLY A 454 13.26 13.72 9.37
CA GLY A 454 14.50 13.60 8.62
C GLY A 454 15.39 12.41 8.95
N LEU A 455 14.95 11.55 9.88
CA LEU A 455 15.71 10.34 10.18
C LEU A 455 15.17 9.16 9.37
N HIS A 456 15.93 8.77 8.33
CA HIS A 456 15.46 7.74 7.41
C HIS A 456 16.07 6.35 7.66
N ASP A 457 17.01 6.26 8.61
CA ASP A 457 17.56 4.97 9.01
C ASP A 457 17.47 4.68 10.51
N ALA A 458 16.28 4.85 11.10
CA ALA A 458 16.06 4.55 12.50
C ALA A 458 16.18 3.04 12.71
N GLN A 459 16.62 2.62 13.89
CA GLN A 459 16.56 1.22 14.26
C GLN A 459 15.24 0.99 15.00
N LEU A 460 14.30 0.34 14.29
CA LEU A 460 12.96 0.08 14.80
C LEU A 460 12.85 -1.39 15.18
N ILE A 461 12.93 -1.67 16.47
CA ILE A 461 13.09 -3.05 16.95
C ILE A 461 11.78 -3.53 17.57
N PRO A 462 11.07 -4.52 16.98
CA PRO A 462 9.88 -5.07 17.60
C PRO A 462 10.26 -6.11 18.66
N THR A 463 9.25 -6.55 19.43
CA THR A 463 9.37 -7.75 20.24
C THR A 463 8.47 -8.83 19.64
N LEU A 464 7.34 -9.13 20.28
CA LEU A 464 6.50 -10.22 19.83
C LEU A 464 5.57 -9.76 18.70
N ALA A 465 4.99 -10.73 18.00
CA ALA A 465 4.03 -10.45 16.96
C ALA A 465 3.09 -11.64 16.78
N ARG A 466 1.84 -11.46 16.44
CA ARG A 466 0.97 -12.59 16.18
C ARG A 466 1.51 -13.40 15.02
N LYS A 467 1.39 -14.69 15.12
CA LYS A 467 1.87 -15.57 14.05
C LYS A 467 3.37 -15.64 13.89
N GLN A 468 4.11 -15.07 14.84
CA GLN A 468 5.55 -15.26 14.83
C GLN A 468 5.96 -16.10 16.07
N ASP A 469 6.91 -16.98 15.91
CA ASP A 469 7.36 -17.74 17.06
C ASP A 469 7.93 -16.77 18.09
N GLU A 470 7.39 -16.83 19.30
CA GLU A 470 7.69 -15.83 20.31
C GLU A 470 9.13 -15.94 20.83
N VAL A 471 9.66 -17.16 20.93
CA VAL A 471 11.04 -17.37 21.38
C VAL A 471 11.98 -16.79 20.33
N SER A 472 11.77 -17.13 19.06
CA SER A 472 12.53 -16.56 17.95
C SER A 472 12.50 -15.04 17.88
N SER A 473 11.32 -14.45 18.07
CA SER A 473 11.17 -13.00 18.07
C SER A 473 12.12 -12.35 19.08
N MET A 474 12.25 -12.97 20.26
CA MET A 474 13.04 -12.35 21.30
C MET A 474 14.53 -12.53 21.00
N VAL A 475 14.91 -13.65 20.36
CA VAL A 475 16.25 -13.81 19.84
C VAL A 475 16.62 -12.67 18.89
N SER A 476 15.72 -12.39 17.95
CA SER A 476 15.92 -11.35 16.97
C SER A 476 16.07 -9.97 17.61
N THR A 477 15.19 -9.68 18.58
CA THR A 477 15.28 -8.43 19.34
C THR A 477 16.68 -8.23 19.93
N MET A 478 17.18 -9.28 20.60
CA MET A 478 18.41 -9.14 21.36
C MET A 478 19.62 -9.12 20.43
N ALA A 479 19.53 -9.84 19.30
CA ALA A 479 20.55 -9.76 18.27
C ALA A 479 20.70 -8.35 17.71
N GLN A 480 19.58 -7.67 17.52
CA GLN A 480 19.61 -6.30 17.00
C GLN A 480 20.27 -5.35 17.99
N LEU A 481 19.95 -5.51 19.29
CA LEU A 481 20.56 -4.70 20.32
C LEU A 481 22.09 -4.87 20.29
N TYR A 482 22.55 -6.12 20.15
CA TYR A 482 23.97 -6.39 20.03
C TYR A 482 24.60 -5.69 18.81
N VAL A 483 23.98 -5.83 17.64
CA VAL A 483 24.57 -5.35 16.40
C VAL A 483 24.80 -3.84 16.42
N TYR A 484 23.88 -3.11 17.04
CA TYR A 484 23.93 -1.66 17.12
C TYR A 484 24.76 -1.14 18.29
N GLY A 485 25.29 -2.05 19.11
CA GLY A 485 26.20 -1.69 20.19
C GLY A 485 25.54 -1.32 21.52
N HIS A 486 24.24 -1.61 21.65
CA HIS A 486 23.52 -1.31 22.88
C HIS A 486 23.83 -2.38 23.93
N ASP A 487 23.59 -2.06 25.20
CA ASP A 487 23.84 -3.00 26.28
C ASP A 487 23.10 -4.31 26.04
N LEU A 488 23.87 -5.39 25.98
CA LEU A 488 23.33 -6.73 25.81
C LEU A 488 24.50 -7.70 25.88
N ASP A 489 24.39 -8.72 26.74
CA ASP A 489 25.46 -9.71 26.87
C ASP A 489 25.11 -10.91 25.99
N ILE A 490 25.67 -10.94 24.78
CA ILE A 490 25.33 -11.97 23.80
C ILE A 490 25.72 -13.37 24.27
N ARG A 491 26.64 -13.47 25.22
CA ARG A 491 26.97 -14.77 25.80
C ARG A 491 25.76 -15.44 26.45
N THR A 492 24.85 -14.61 26.99
CA THR A 492 23.67 -15.13 27.68
C THR A 492 22.59 -15.67 26.75
N LEU A 493 22.77 -15.54 25.43
CA LEU A 493 21.84 -16.14 24.49
C LEU A 493 22.13 -17.64 24.25
N PHE A 494 23.13 -18.16 24.96
CA PHE A 494 23.49 -19.57 24.89
C PHE A 494 23.61 -20.11 26.30
N SER A 495 23.07 -21.31 26.50
CA SER A 495 23.24 -22.01 27.77
C SER A 495 24.71 -22.32 27.99
N ARG A 496 25.11 -22.44 29.25
CA ARG A 496 26.49 -22.78 29.60
C ARG A 496 26.84 -24.13 29.01
N ALA A 497 28.03 -24.20 28.40
CA ALA A 497 28.53 -25.45 27.86
C ALA A 497 28.73 -26.45 29.00
N SER A 498 28.33 -27.71 28.77
CA SER A 498 28.65 -28.77 29.71
C SER A 498 29.65 -29.77 29.15
N GLY A 499 30.09 -29.56 27.91
CA GLY A 499 31.07 -30.44 27.30
C GLY A 499 31.67 -29.85 26.03
N PRO A 500 32.72 -30.47 25.46
CA PRO A 500 33.36 -29.92 24.27
C PRO A 500 32.45 -29.89 23.03
N GLN A 501 31.42 -30.75 23.00
CA GLN A 501 30.48 -30.75 21.89
C GLN A 501 29.65 -29.47 21.82
N ASP A 502 29.67 -28.66 22.88
CA ASP A 502 28.94 -27.41 22.91
C ASP A 502 29.68 -26.24 22.30
N TYR A 503 30.94 -26.47 21.88
CA TYR A 503 31.69 -25.51 21.10
C TYR A 503 32.01 -26.10 19.73
N ALA A 504 32.31 -25.19 18.80
CA ALA A 504 32.71 -25.54 17.46
C ALA A 504 34.22 -25.31 17.33
N ASN A 505 34.83 -26.04 16.39
CA ASN A 505 36.28 -26.03 16.25
C ASN A 505 36.76 -24.85 15.43
N ILE A 506 36.48 -23.64 15.94
CA ILE A 506 36.87 -22.39 15.31
C ILE A 506 37.33 -21.48 16.46
N PRO A 507 38.04 -20.36 16.17
CA PRO A 507 38.34 -19.36 17.20
C PRO A 507 37.11 -18.79 17.90
N PRO A 508 37.11 -18.64 19.25
CA PRO A 508 38.30 -18.85 20.09
C PRO A 508 38.33 -20.17 20.87
N THR A 509 37.68 -21.22 20.34
CA THR A 509 37.51 -22.47 21.07
C THR A 509 38.02 -23.67 20.29
N ARG A 510 39.03 -23.45 19.43
CA ARG A 510 39.72 -24.53 18.75
C ARG A 510 40.18 -25.60 19.74
N PHE A 511 40.04 -26.88 19.37
CA PHE A 511 40.45 -27.98 20.24
C PHE A 511 41.90 -28.29 19.91
N LYS A 512 42.75 -28.31 20.94
CA LYS A 512 44.19 -28.52 20.76
C LYS A 512 44.50 -29.98 20.39
N GLU B 45 17.04 20.84 -16.32
CA GLU B 45 16.71 21.59 -17.53
C GLU B 45 16.55 20.61 -18.70
N LEU B 46 15.30 20.41 -19.14
CA LEU B 46 14.99 19.53 -20.24
C LEU B 46 14.90 20.31 -21.55
N PRO B 47 15.03 19.65 -22.72
CA PRO B 47 14.76 20.30 -24.01
C PRO B 47 13.32 20.82 -24.08
N GLY B 48 13.15 21.98 -24.73
CA GLY B 48 11.83 22.53 -25.00
C GLY B 48 11.23 21.97 -26.29
N VAL B 49 9.99 22.40 -26.60
CA VAL B 49 9.36 22.05 -27.86
C VAL B 49 10.23 22.51 -29.04
N THR B 50 10.50 21.63 -29.99
CA THR B 50 11.37 21.95 -31.12
C THR B 50 10.72 22.98 -32.06
N GLU B 51 11.58 23.68 -32.81
CA GLU B 51 11.13 24.67 -33.76
C GLU B 51 10.25 24.01 -34.84
N GLU B 52 10.63 22.80 -35.26
CA GLU B 52 9.85 22.06 -36.22
C GLU B 52 8.48 21.66 -35.67
N ALA B 53 8.40 21.24 -34.40
CA ALA B 53 7.10 20.99 -33.80
C ALA B 53 6.23 22.24 -33.81
N LEU B 54 6.82 23.41 -33.49
CA LEU B 54 6.07 24.65 -33.49
C LEU B 54 5.57 25.00 -34.90
N ARG B 55 6.44 24.84 -35.91
CA ARG B 55 6.01 25.04 -37.29
C ARG B 55 4.83 24.11 -37.63
N LEU B 56 4.95 22.82 -37.32
CA LEU B 56 3.92 21.84 -37.65
C LEU B 56 2.61 22.17 -36.92
N LYS B 57 2.73 22.58 -35.66
CA LYS B 57 1.59 22.97 -34.86
C LYS B 57 0.82 24.12 -35.50
N GLU B 58 1.54 25.17 -35.91
CA GLU B 58 0.91 26.32 -36.52
C GLU B 58 0.13 25.91 -37.78
N ALA B 59 0.74 25.11 -38.66
CA ALA B 59 0.05 24.61 -39.84
C ALA B 59 -1.19 23.81 -39.47
N ALA B 60 -1.09 22.95 -38.44
CA ALA B 60 -2.21 22.13 -38.03
C ALA B 60 -3.38 22.94 -37.45
N LEU B 61 -3.06 24.01 -36.71
CA LEU B 61 -4.09 24.90 -36.18
C LEU B 61 -4.80 25.68 -37.30
N GLU B 62 -4.07 26.09 -38.33
CA GLU B 62 -4.69 26.73 -39.48
C GLU B 62 -5.60 25.77 -40.23
N GLU B 63 -5.17 24.51 -40.41
CA GLU B 63 -6.03 23.52 -41.03
C GLU B 63 -7.31 23.33 -40.20
N LEU B 64 -7.14 23.29 -38.88
CA LEU B 64 -8.27 23.09 -37.98
C LEU B 64 -9.27 24.25 -38.01
N ALA B 65 -8.75 25.48 -37.98
CA ALA B 65 -9.59 26.67 -37.99
C ALA B 65 -10.40 26.81 -39.29
N ALA B 66 -9.95 26.17 -40.36
CA ALA B 66 -10.65 26.22 -41.63
C ALA B 66 -11.66 25.10 -41.82
N GLN B 67 -11.76 24.17 -40.86
CA GLN B 67 -12.77 23.13 -40.94
C GLN B 67 -14.10 23.66 -40.38
N GLU B 68 -15.21 23.08 -40.83
CA GLU B 68 -16.50 23.45 -40.26
C GLU B 68 -16.58 22.96 -38.81
N VAL B 69 -17.14 23.81 -37.95
CA VAL B 69 -17.23 23.52 -36.53
C VAL B 69 -18.27 22.42 -36.31
N THR B 70 -17.94 21.43 -35.49
CA THR B 70 -18.91 20.43 -35.07
C THR B 70 -19.44 20.77 -33.69
N ALA B 71 -20.71 20.42 -33.45
CA ALA B 71 -21.33 20.59 -32.15
C ALA B 71 -20.61 19.74 -31.10
N PRO B 72 -20.21 20.29 -29.93
CA PRO B 72 -19.68 19.49 -28.85
C PRO B 72 -20.66 18.44 -28.33
N LEU B 73 -20.11 17.36 -27.78
CA LEU B 73 -20.89 16.35 -27.08
C LEU B 73 -21.00 16.78 -25.63
N VAL B 74 -22.24 17.01 -25.17
CA VAL B 74 -22.45 17.55 -23.84
C VAL B 74 -23.02 16.45 -22.94
N PRO B 75 -22.40 16.22 -21.76
CA PRO B 75 -22.91 15.24 -20.79
C PRO B 75 -23.97 15.82 -19.85
N LEU B 76 -25.19 15.27 -19.91
CA LEU B 76 -26.30 15.72 -19.08
C LEU B 76 -26.56 14.67 -18.00
N ALA B 77 -26.21 15.00 -16.75
CA ALA B 77 -26.33 14.07 -15.63
CA ALA B 77 -26.33 14.08 -15.62
C ALA B 77 -27.69 14.20 -14.94
N VAL B 78 -28.32 13.04 -14.66
CA VAL B 78 -29.55 12.96 -13.90
CA VAL B 78 -29.53 12.99 -13.85
C VAL B 78 -29.36 11.86 -12.85
N SER B 79 -29.74 12.12 -11.60
CA SER B 79 -29.57 11.14 -10.54
C SER B 79 -30.62 11.28 -9.43
N ALA B 80 -30.72 10.22 -8.60
CA ALA B 80 -31.57 10.21 -7.43
C ALA B 80 -31.17 9.03 -6.55
N PHE B 81 -31.85 8.92 -5.40
CA PHE B 81 -31.59 7.85 -4.45
C PHE B 81 -32.00 6.49 -5.03
N LEU B 82 -33.02 6.49 -5.89
CA LEU B 82 -33.57 5.27 -6.47
C LEU B 82 -33.79 5.45 -7.98
N THR B 83 -33.62 4.38 -8.76
CA THR B 83 -33.95 4.40 -10.18
C THR B 83 -35.35 4.93 -10.45
N SER B 84 -36.35 4.48 -9.66
CA SER B 84 -37.72 4.92 -9.87
C SER B 84 -37.87 6.44 -9.82
N ARG B 85 -37.19 7.06 -9.05
CA ARG B 85 -37.16 8.51 -8.92
C ARG B 85 -36.42 9.15 -10.11
N LYS B 86 -35.20 8.56 -10.30
CA LYS B 86 -34.38 9.04 -11.39
C LYS B 86 -35.19 9.13 -12.67
N LYS B 87 -36.04 8.13 -12.93
CA LYS B 87 -36.85 8.08 -14.14
C LYS B 87 -37.83 9.24 -14.21
N ALA B 88 -38.42 9.56 -13.06
CA ALA B 88 -39.35 10.65 -12.95
C ALA B 88 -38.64 11.99 -13.20
N ALA B 89 -37.47 12.16 -12.59
CA ALA B 89 -36.68 13.36 -12.83
C ALA B 89 -36.27 13.54 -14.30
N ALA B 90 -35.96 12.42 -14.97
CA ALA B 90 -35.55 12.46 -16.37
C ALA B 90 -36.71 12.90 -17.23
N ALA B 91 -37.93 12.43 -16.90
CA ALA B 91 -39.12 12.76 -17.66
C ALA B 91 -39.47 14.25 -17.54
N GLU B 92 -39.37 14.77 -16.30
CA GLU B 92 -39.56 16.19 -16.06
C GLU B 92 -38.58 17.03 -16.89
N LEU B 93 -37.31 16.64 -16.86
CA LEU B 93 -36.28 17.40 -17.57
C LEU B 93 -36.50 17.42 -19.09
N ALA B 94 -36.89 16.25 -19.63
CA ALA B 94 -37.21 16.15 -21.04
C ALA B 94 -38.37 17.06 -21.41
N ASP B 95 -39.44 17.05 -20.61
CA ASP B 95 -40.57 17.92 -20.87
C ASP B 95 -40.18 19.40 -20.78
N TRP B 96 -39.36 19.76 -19.78
CA TRP B 96 -38.88 21.13 -19.68
C TRP B 96 -38.03 21.49 -20.91
N MET B 97 -37.17 20.58 -21.36
CA MET B 97 -36.31 20.85 -22.51
C MET B 97 -37.10 21.08 -23.79
N GLN B 98 -38.29 20.48 -23.86
CA GLN B 98 -39.17 20.64 -25.01
C GLN B 98 -39.95 21.95 -24.93
N SER B 99 -40.12 22.49 -23.71
CA SER B 99 -40.88 23.71 -23.51
C SER B 99 -40.14 24.96 -23.98
N PRO B 100 -40.82 26.12 -24.15
CA PRO B 100 -40.15 27.31 -24.70
C PRO B 100 -38.90 27.72 -23.92
N GLU B 101 -38.96 27.65 -22.59
CA GLU B 101 -37.82 28.09 -21.79
C GLU B 101 -36.62 27.14 -21.97
N GLY B 102 -36.91 25.83 -22.06
CA GLY B 102 -35.87 24.85 -22.30
C GLY B 102 -35.24 25.01 -23.68
N GLN B 103 -36.09 25.31 -24.67
CA GLN B 103 -35.62 25.48 -26.03
C GLN B 103 -34.73 26.73 -26.15
N ALA B 104 -34.96 27.74 -25.31
CA ALA B 104 -34.16 28.95 -25.32
C ALA B 104 -32.87 28.85 -24.48
N SER B 105 -32.64 27.71 -23.85
CA SER B 105 -31.49 27.53 -22.96
C SER B 105 -30.43 26.70 -23.70
N SER B 106 -29.16 27.16 -23.67
CA SER B 106 -28.12 26.39 -24.35
C SER B 106 -27.91 25.04 -23.66
N LEU B 107 -27.53 24.05 -24.45
CA LEU B 107 -27.27 22.72 -23.94
C LEU B 107 -26.17 22.73 -22.88
N GLU B 108 -25.12 23.52 -23.15
CA GLU B 108 -24.03 23.65 -22.22
C GLU B 108 -24.49 24.18 -20.86
N SER B 109 -25.37 25.20 -20.87
CA SER B 109 -25.87 25.75 -19.61
C SER B 109 -26.74 24.76 -18.83
N ILE B 110 -27.48 23.90 -19.55
CA ILE B 110 -28.26 22.86 -18.93
C ILE B 110 -27.34 21.85 -18.27
N GLY B 111 -26.32 21.38 -19.01
CA GLY B 111 -25.36 20.43 -18.46
C GLY B 111 -24.66 20.99 -17.22
N ARG B 112 -24.28 22.28 -17.29
CA ARG B 112 -23.60 22.91 -16.18
C ARG B 112 -24.51 22.98 -14.95
N SER B 113 -25.79 23.38 -15.11
CA SER B 113 -26.73 23.35 -13.99
C SER B 113 -26.89 21.96 -13.38
N LEU B 114 -27.06 20.93 -14.23
CA LEU B 114 -27.19 19.56 -13.78
C LEU B 114 -25.97 19.08 -13.00
N SER B 115 -24.77 19.54 -13.42
CA SER B 115 -23.53 19.15 -12.77
C SER B 115 -23.39 19.64 -11.34
N ARG B 116 -24.13 20.70 -10.99
CA ARG B 116 -24.10 21.23 -9.63
C ARG B 116 -25.17 20.69 -8.67
N ARG B 117 -26.02 19.77 -9.15
CA ARG B 117 -26.95 19.07 -8.26
CA ARG B 117 -26.95 19.06 -8.28
C ARG B 117 -26.18 18.11 -7.36
N ASN B 118 -26.83 17.65 -6.29
CA ASN B 118 -26.26 16.53 -5.56
CA ASN B 118 -26.47 16.47 -5.51
C ASN B 118 -26.37 15.30 -6.49
N HIS B 119 -25.39 14.42 -6.35
CA HIS B 119 -25.25 13.28 -7.23
C HIS B 119 -25.64 12.01 -6.48
N GLY B 120 -26.88 11.55 -6.70
CA GLY B 120 -27.43 10.42 -5.98
C GLY B 120 -26.85 9.10 -6.47
N ARG B 121 -27.18 8.04 -5.75
CA ARG B 121 -26.59 6.74 -6.03
C ARG B 121 -27.03 6.13 -7.37
N SER B 122 -28.27 6.40 -7.81
CA SER B 122 -28.78 5.94 -9.09
C SER B 122 -28.57 7.06 -10.12
N ARG B 123 -27.84 6.74 -11.20
CA ARG B 123 -27.31 7.76 -12.08
C ARG B 123 -27.54 7.42 -13.54
N ALA B 124 -27.66 8.48 -14.34
CA ALA B 124 -27.59 8.35 -15.78
C ALA B 124 -26.90 9.58 -16.36
N VAL B 125 -26.24 9.38 -17.51
CA VAL B 125 -25.78 10.46 -18.36
C VAL B 125 -26.34 10.28 -19.76
N VAL B 126 -26.90 11.37 -20.28
CA VAL B 126 -27.29 11.49 -21.68
C VAL B 126 -26.25 12.36 -22.38
N LEU B 127 -25.62 11.78 -23.39
CA LEU B 127 -24.58 12.46 -24.18
C LEU B 127 -25.26 12.99 -25.44
N ALA B 128 -25.31 14.31 -25.60
CA ALA B 128 -26.10 14.94 -26.65
C ALA B 128 -25.37 16.08 -27.36
N HIS B 129 -25.66 16.26 -28.64
CA HIS B 129 -25.11 17.35 -29.44
C HIS B 129 -26.09 18.51 -29.55
N ASP B 130 -27.39 18.21 -29.40
CA ASP B 130 -28.46 19.19 -29.55
C ASP B 130 -29.66 18.78 -28.68
N HIS B 131 -30.68 19.64 -28.66
CA HIS B 131 -31.86 19.42 -27.81
C HIS B 131 -32.64 18.14 -28.15
N ASP B 132 -32.80 17.84 -29.45
CA ASP B 132 -33.52 16.65 -29.87
C ASP B 132 -32.85 15.38 -29.33
N GLU B 133 -31.54 15.29 -29.45
CA GLU B 133 -30.82 14.14 -28.92
C GLU B 133 -30.96 14.08 -27.40
N ALA B 134 -30.90 15.24 -26.73
CA ALA B 134 -30.97 15.27 -25.28
C ALA B 134 -32.34 14.75 -24.83
N ILE B 135 -33.41 15.24 -25.47
CA ILE B 135 -34.76 14.82 -25.14
C ILE B 135 -34.99 13.32 -25.38
N LYS B 136 -34.54 12.80 -26.53
CA LYS B 136 -34.67 11.38 -26.83
C LYS B 136 -33.95 10.53 -25.79
N GLY B 137 -32.72 10.93 -25.46
CA GLY B 137 -31.95 10.22 -24.44
C GLY B 137 -32.66 10.21 -23.08
N LEU B 138 -33.21 11.35 -22.68
CA LEU B 138 -33.88 11.44 -21.40
C LEU B 138 -35.16 10.61 -21.37
N ARG B 139 -35.89 10.57 -22.49
CA ARG B 139 -37.06 9.71 -22.61
C ARG B 139 -36.69 8.24 -22.45
N ALA B 140 -35.53 7.85 -22.96
CA ALA B 140 -35.05 6.49 -22.81
C ALA B 140 -34.72 6.15 -21.36
N VAL B 141 -34.01 7.06 -20.67
CA VAL B 141 -33.77 6.95 -19.23
C VAL B 141 -35.11 6.78 -18.49
N ALA B 142 -36.06 7.67 -18.77
CA ALA B 142 -37.35 7.64 -18.10
C ALA B 142 -38.11 6.33 -18.33
N ALA B 143 -37.95 5.74 -19.52
CA ALA B 143 -38.65 4.52 -19.91
C ALA B 143 -37.89 3.24 -19.53
N GLY B 144 -36.65 3.38 -19.06
CA GLY B 144 -35.80 2.25 -18.77
C GLY B 144 -35.34 1.51 -20.02
N LYS B 145 -35.20 2.23 -21.13
CA LYS B 145 -34.77 1.64 -22.38
C LYS B 145 -33.32 2.00 -22.65
N GLN B 146 -32.61 1.09 -23.32
CA GLN B 146 -31.24 1.34 -23.72
C GLN B 146 -31.20 2.24 -24.95
N ALA B 147 -30.10 2.99 -25.05
CA ALA B 147 -29.88 3.88 -26.18
C ALA B 147 -28.39 4.13 -26.33
N PRO B 148 -27.88 4.37 -27.55
CA PRO B 148 -26.43 4.43 -27.77
C PRO B 148 -25.73 5.54 -26.99
N ASN B 149 -26.40 6.67 -26.81
CA ASN B 149 -25.79 7.81 -26.13
C ASN B 149 -26.20 7.94 -24.66
N VAL B 150 -26.68 6.83 -24.06
CA VAL B 150 -27.15 6.83 -22.69
C VAL B 150 -26.44 5.76 -21.87
N PHE B 151 -25.92 6.17 -20.71
CA PHE B 151 -25.44 5.26 -19.69
C PHE B 151 -26.28 5.47 -18.43
N SER B 152 -26.78 4.37 -17.86
CA SER B 152 -27.68 4.41 -16.72
C SER B 152 -27.53 3.17 -15.84
N VAL B 153 -27.33 3.35 -14.53
CA VAL B 153 -27.26 2.25 -13.57
C VAL B 153 -28.10 2.51 -12.33
N ASP B 154 -28.41 1.42 -11.61
CA ASP B 154 -29.29 1.52 -10.46
C ASP B 154 -28.55 1.97 -9.19
N GLY B 155 -27.22 1.86 -9.22
CA GLY B 155 -26.41 2.14 -8.04
C GLY B 155 -24.94 2.00 -8.42
N PRO B 156 -24.01 2.42 -7.54
CA PRO B 156 -22.60 2.40 -7.87
C PRO B 156 -21.99 1.00 -7.99
N VAL B 157 -20.93 0.92 -8.80
CA VAL B 157 -20.01 -0.20 -8.79
C VAL B 157 -19.10 0.05 -7.59
N THR B 158 -18.91 -0.98 -6.76
CA THR B 158 -18.29 -0.77 -5.45
C THR B 158 -16.81 -1.16 -5.39
N THR B 159 -16.26 -1.72 -6.47
CA THR B 159 -14.80 -1.80 -6.63
C THR B 159 -14.35 -0.89 -7.76
N GLY B 160 -13.18 -0.27 -7.56
CA GLY B 160 -12.69 0.72 -8.49
C GLY B 160 -12.15 0.15 -9.81
N PRO B 161 -11.85 1.04 -10.78
CA PRO B 161 -11.48 0.61 -12.13
C PRO B 161 -10.08 0.02 -12.24
N VAL B 162 -9.93 -0.94 -13.17
CA VAL B 162 -8.62 -1.40 -13.59
C VAL B 162 -8.24 -0.63 -14.86
N TRP B 163 -7.12 0.09 -14.82
CA TRP B 163 -6.60 0.76 -15.99
C TRP B 163 -5.76 -0.23 -16.80
N VAL B 164 -6.09 -0.31 -18.09
CA VAL B 164 -5.47 -1.24 -19.04
C VAL B 164 -4.50 -0.45 -19.90
N LEU B 165 -3.21 -0.81 -19.83
CA LEU B 165 -2.17 -0.19 -20.63
C LEU B 165 -1.54 -1.24 -21.56
N ALA B 166 -1.95 -1.24 -22.83
CA ALA B 166 -1.53 -2.23 -23.80
C ALA B 166 -0.79 -1.50 -24.92
N GLY B 167 -1.23 -1.67 -26.17
CA GLY B 167 -0.56 -0.99 -27.27
C GLY B 167 -0.35 -1.81 -28.55
N PHE B 168 -0.20 -3.12 -28.45
CA PHE B 168 -0.02 -3.93 -29.65
C PHE B 168 -1.18 -3.70 -30.63
N GLY B 169 -0.83 -3.34 -31.85
CA GLY B 169 -1.78 -3.13 -32.93
C GLY B 169 -2.68 -1.89 -32.81
N ALA B 170 -2.36 -0.96 -31.90
CA ALA B 170 -3.28 0.13 -31.62
C ALA B 170 -2.95 1.42 -32.38
N GLN B 171 -1.77 1.45 -33.02
CA GLN B 171 -1.28 2.70 -33.59
C GLN B 171 -2.00 3.01 -34.89
N HIS B 172 -2.04 4.30 -35.23
CA HIS B 172 -2.49 4.75 -36.53
C HIS B 172 -1.90 6.14 -36.77
N ARG B 173 -1.83 6.55 -38.05
CA ARG B 173 -1.03 7.69 -38.46
C ARG B 173 -1.26 8.96 -37.65
N LYS B 174 -2.53 9.33 -37.45
CA LYS B 174 -2.83 10.61 -36.82
C LYS B 174 -3.18 10.53 -35.33
N MET B 175 -2.85 9.40 -34.69
CA MET B 175 -3.26 9.20 -33.31
C MET B 175 -2.80 10.35 -32.44
N GLY B 176 -3.71 10.83 -31.57
CA GLY B 176 -3.36 11.83 -30.57
C GLY B 176 -3.33 13.28 -31.05
N LYS B 177 -3.28 13.50 -32.37
CA LYS B 177 -3.09 14.84 -32.91
C LYS B 177 -4.26 15.77 -32.60
N SER B 178 -5.48 15.30 -32.88
CA SER B 178 -6.66 16.10 -32.66
C SER B 178 -6.81 16.51 -31.20
N LEU B 179 -6.63 15.56 -30.27
CA LEU B 179 -6.70 15.87 -28.86
C LEU B 179 -5.57 16.80 -28.40
N TYR B 180 -4.37 16.63 -28.97
CA TYR B 180 -3.25 17.50 -28.68
C TYR B 180 -3.61 18.96 -28.99
N LEU B 181 -4.26 19.17 -30.14
CA LEU B 181 -4.57 20.51 -30.62
C LEU B 181 -5.70 21.16 -29.82
N ARG B 182 -6.58 20.34 -29.24
CA ARG B 182 -7.83 20.85 -28.68
C ARG B 182 -7.96 20.74 -27.16
N ASN B 183 -7.01 20.09 -26.49
CA ASN B 183 -7.11 19.86 -25.06
C ASN B 183 -5.77 20.24 -24.42
N GLU B 184 -5.79 21.29 -23.61
CA GLU B 184 -4.57 21.89 -23.07
C GLU B 184 -3.86 21.01 -22.04
N VAL B 185 -4.65 20.26 -21.27
CA VAL B 185 -4.08 19.38 -20.26
C VAL B 185 -3.38 18.20 -20.94
N PHE B 186 -4.05 17.58 -21.91
CA PHE B 186 -3.45 16.53 -22.70
C PHE B 186 -2.17 17.01 -23.39
N ALA B 187 -2.24 18.19 -24.00
CA ALA B 187 -1.10 18.77 -24.70
C ALA B 187 0.08 18.97 -23.76
N ALA B 188 -0.19 19.45 -22.54
CA ALA B 188 0.88 19.72 -21.58
C ALA B 188 1.67 18.45 -21.24
N TRP B 189 0.95 17.34 -21.08
CA TRP B 189 1.59 16.07 -20.74
C TRP B 189 2.29 15.46 -21.96
N ILE B 190 1.73 15.61 -23.15
CA ILE B 190 2.42 15.18 -24.36
C ILE B 190 3.76 15.90 -24.46
N GLU B 191 3.78 17.20 -24.18
CA GLU B 191 5.02 17.97 -24.24
C GLU B 191 6.02 17.53 -23.17
N LYS B 192 5.52 17.17 -21.98
CA LYS B 192 6.40 16.68 -20.93
C LYS B 192 7.09 15.39 -21.37
N VAL B 193 6.32 14.43 -21.93
CA VAL B 193 6.94 13.21 -22.41
C VAL B 193 7.88 13.50 -23.59
N ASP B 194 7.45 14.39 -24.50
CA ASP B 194 8.26 14.76 -25.66
C ASP B 194 9.64 15.24 -25.22
N ALA B 195 9.68 16.03 -24.13
CA ALA B 195 10.94 16.58 -23.64
C ALA B 195 11.83 15.47 -23.11
N LEU B 196 11.23 14.53 -22.36
CA LEU B 196 11.96 13.40 -21.79
C LEU B 196 12.52 12.47 -22.87
N VAL B 197 11.72 12.19 -23.90
CA VAL B 197 12.18 11.32 -24.98
C VAL B 197 13.23 12.03 -25.83
N GLN B 198 13.14 13.36 -25.99
CA GLN B 198 14.19 14.11 -26.66
C GLN B 198 15.52 13.90 -25.93
N ASP B 199 15.48 13.97 -24.61
CA ASP B 199 16.65 13.84 -23.77
C ASP B 199 17.23 12.44 -23.85
N GLU B 200 16.37 11.42 -23.88
CA GLU B 200 16.84 10.04 -23.94
C GLU B 200 17.30 9.59 -25.33
N LEU B 201 16.54 9.91 -26.38
CA LEU B 201 16.79 9.35 -27.70
C LEU B 201 17.15 10.37 -28.77
N GLY B 202 16.98 11.66 -28.49
CA GLY B 202 17.44 12.70 -29.39
C GLY B 202 16.49 13.08 -30.53
N TYR B 203 15.21 12.70 -30.44
CA TYR B 203 14.21 13.18 -31.39
C TYR B 203 12.88 13.47 -30.69
N SER B 204 11.98 14.13 -31.42
CA SER B 204 10.72 14.62 -30.92
C SER B 204 9.52 13.76 -31.34
N VAL B 205 8.81 13.19 -30.37
CA VAL B 205 7.61 12.43 -30.68
C VAL B 205 6.48 13.38 -31.07
N LEU B 206 6.51 14.61 -30.55
CA LEU B 206 5.49 15.59 -30.90
C LEU B 206 5.51 15.90 -32.40
N GLU B 207 6.70 15.97 -32.99
CA GLU B 207 6.84 16.14 -34.44
C GLU B 207 6.15 15.01 -35.22
N LEU B 208 6.31 13.77 -34.74
CA LEU B 208 5.65 12.62 -35.36
C LEU B 208 4.13 12.74 -35.28
N ILE B 209 3.63 13.16 -34.11
CA ILE B 209 2.20 13.31 -33.92
C ILE B 209 1.60 14.35 -34.87
N LEU B 210 2.30 15.47 -35.05
CA LEU B 210 1.77 16.60 -35.80
C LEU B 210 1.98 16.52 -37.31
N ASP B 211 2.97 15.73 -37.76
CA ASP B 211 3.30 15.62 -39.17
C ASP B 211 2.55 14.45 -39.80
N ASP B 212 1.54 14.76 -40.59
CA ASP B 212 0.74 13.75 -41.27
C ASP B 212 1.53 12.99 -42.32
N ALA B 213 2.66 13.54 -42.78
CA ALA B 213 3.49 12.84 -43.75
C ALA B 213 4.30 11.69 -43.14
N GLN B 214 4.43 11.65 -41.82
CA GLN B 214 5.21 10.60 -41.17
C GLN B 214 4.32 9.52 -40.60
N ASP B 215 4.77 8.26 -40.69
CA ASP B 215 4.11 7.18 -39.98
C ASP B 215 5.08 6.49 -39.04
N TYR B 216 4.59 5.49 -38.30
CA TYR B 216 5.29 4.91 -37.17
C TYR B 216 5.97 3.59 -37.51
N GLY B 217 7.15 3.35 -36.93
CA GLY B 217 7.86 2.09 -37.08
C GLY B 217 8.00 1.34 -35.76
N ILE B 218 8.91 0.38 -35.74
CA ILE B 218 9.10 -0.50 -34.60
C ILE B 218 9.38 0.31 -33.33
N GLU B 219 10.32 1.26 -33.44
CA GLU B 219 10.70 2.04 -32.27
C GLU B 219 9.64 3.10 -31.97
N THR B 220 9.33 3.95 -32.96
CA THR B 220 8.55 5.16 -32.69
C THR B 220 7.09 4.86 -32.32
N THR B 221 6.54 3.73 -32.79
CA THR B 221 5.23 3.28 -32.35
C THR B 221 5.18 3.22 -30.82
N GLN B 222 6.22 2.60 -30.24
CA GLN B 222 6.18 2.26 -28.83
C GLN B 222 6.28 3.50 -27.94
N VAL B 223 7.24 4.39 -28.27
CA VAL B 223 7.42 5.60 -27.47
C VAL B 223 6.26 6.56 -27.64
N THR B 224 5.66 6.61 -28.83
CA THR B 224 4.55 7.53 -29.06
C THR B 224 3.27 7.04 -28.36
N ILE B 225 2.97 5.74 -28.44
CA ILE B 225 1.84 5.20 -27.67
C ILE B 225 2.03 5.43 -26.17
N PHE B 226 3.26 5.22 -25.67
CA PHE B 226 3.60 5.54 -24.29
C PHE B 226 3.22 6.99 -23.97
N ALA B 227 3.62 7.92 -24.85
CA ALA B 227 3.33 9.33 -24.62
C ALA B 227 1.82 9.57 -24.49
N ILE B 228 1.06 8.93 -25.37
CA ILE B 228 -0.39 9.09 -25.40
C ILE B 228 -1.02 8.49 -24.15
N GLN B 229 -0.50 7.34 -23.71
CA GLN B 229 -0.97 6.68 -22.49
C GLN B 229 -0.77 7.56 -21.26
N ILE B 230 0.43 8.12 -21.10
CA ILE B 230 0.73 9.02 -20.01
C ILE B 230 -0.22 10.22 -20.03
N ALA B 231 -0.35 10.87 -21.20
CA ALA B 231 -1.14 12.07 -21.30
C ALA B 231 -2.63 11.80 -21.09
N LEU B 232 -3.14 10.69 -21.61
CA LEU B 232 -4.52 10.33 -21.34
C LEU B 232 -4.80 10.08 -19.85
N GLY B 233 -3.90 9.35 -19.19
CA GLY B 233 -4.13 9.02 -17.78
C GLY B 233 -4.03 10.25 -16.88
N GLU B 234 -3.09 11.14 -17.20
CA GLU B 234 -2.97 12.37 -16.43
C GLU B 234 -4.11 13.35 -16.72
N LEU B 235 -4.67 13.32 -17.93
CA LEU B 235 -5.89 14.05 -18.24
C LEU B 235 -7.01 13.57 -17.32
N LEU B 236 -7.18 12.25 -17.24
CA LEU B 236 -8.18 11.66 -16.37
C LEU B 236 -7.96 12.07 -14.91
N ARG B 237 -6.72 12.02 -14.45
CA ARG B 237 -6.42 12.43 -13.08
C ARG B 237 -6.74 13.90 -12.85
N HIS B 238 -6.48 14.75 -13.84
CA HIS B 238 -6.86 16.16 -13.79
C HIS B 238 -8.33 16.32 -13.44
N HIS B 239 -9.19 15.43 -13.95
CA HIS B 239 -10.62 15.52 -13.75
C HIS B 239 -11.12 14.71 -12.53
N GLY B 240 -10.20 14.23 -11.69
CA GLY B 240 -10.54 13.55 -10.47
C GLY B 240 -10.42 12.03 -10.46
N ALA B 241 -10.09 11.42 -11.60
CA ALA B 241 -10.04 9.97 -11.69
C ALA B 241 -8.75 9.37 -11.13
N LYS B 242 -8.83 8.10 -10.69
CA LYS B 242 -7.69 7.33 -10.22
C LYS B 242 -7.91 5.84 -10.51
N PRO B 243 -6.86 5.06 -10.82
CA PRO B 243 -7.00 3.60 -10.94
C PRO B 243 -7.06 2.98 -9.55
N ALA B 244 -7.89 1.95 -9.39
CA ALA B 244 -7.78 1.08 -8.22
C ALA B 244 -6.67 0.06 -8.44
N ALA B 245 -6.45 -0.29 -9.72
CA ALA B 245 -5.37 -1.19 -10.09
C ALA B 245 -5.02 -0.93 -11.54
N VAL B 246 -3.85 -1.43 -11.95
CA VAL B 246 -3.42 -1.41 -13.34
C VAL B 246 -3.09 -2.81 -13.84
N ILE B 247 -3.17 -2.95 -15.17
CA ILE B 247 -2.68 -4.12 -15.88
C ILE B 247 -2.00 -3.65 -17.16
N GLY B 248 -0.77 -4.17 -17.38
CA GLY B 248 -0.01 -3.89 -18.58
C GLY B 248 -0.04 -5.01 -19.62
N GLN B 249 0.19 -4.66 -20.87
CA GLN B 249 0.38 -5.66 -21.92
C GLN B 249 1.53 -5.26 -22.85
N SER B 250 2.66 -5.96 -22.73
CA SER B 250 3.83 -5.79 -23.59
C SER B 250 4.33 -4.34 -23.54
N LEU B 251 4.22 -3.55 -24.62
CA LEU B 251 4.76 -2.20 -24.60
C LEU B 251 4.14 -1.29 -23.53
N GLY B 252 2.88 -1.59 -23.16
CA GLY B 252 2.16 -0.84 -22.13
C GLY B 252 2.70 -0.97 -20.71
N GLU B 253 3.62 -1.91 -20.47
CA GLU B 253 4.05 -2.19 -19.10
C GLU B 253 4.65 -0.96 -18.46
N ALA B 254 5.47 -0.21 -19.24
CA ALA B 254 6.13 0.98 -18.71
C ALA B 254 5.13 2.03 -18.19
N ALA B 255 4.11 2.36 -18.98
CA ALA B 255 3.07 3.27 -18.52
C ALA B 255 2.31 2.71 -17.31
N SER B 256 2.09 1.40 -17.29
CA SER B 256 1.42 0.79 -16.15
C SER B 256 2.22 1.01 -14.86
N ALA B 257 3.55 0.95 -14.99
CA ALA B 257 4.41 1.11 -13.83
C ALA B 257 4.32 2.54 -13.28
N TYR B 258 4.25 3.53 -14.19
CA TYR B 258 4.07 4.91 -13.80
C TYR B 258 2.76 5.12 -13.06
N PHE B 259 1.64 4.65 -13.62
CA PHE B 259 0.35 4.89 -13.01
C PHE B 259 0.18 4.13 -11.70
N ALA B 260 0.92 3.04 -11.52
CA ALA B 260 0.92 2.30 -10.25
C ALA B 260 1.87 2.87 -9.22
N GLY B 261 2.55 3.98 -9.54
CA GLY B 261 3.49 4.60 -8.62
C GLY B 261 4.77 3.78 -8.39
N GLY B 262 5.08 2.88 -9.33
CA GLY B 262 6.27 2.06 -9.21
C GLY B 262 7.54 2.63 -9.82
N LEU B 263 7.39 3.62 -10.72
CA LEU B 263 8.51 4.34 -11.29
C LEU B 263 8.10 5.80 -11.50
N SER B 264 9.05 6.72 -11.30
CA SER B 264 8.87 8.09 -11.73
C SER B 264 8.61 8.16 -13.23
N LEU B 265 8.14 9.32 -13.71
CA LEU B 265 7.92 9.50 -15.13
C LEU B 265 9.23 9.35 -15.88
N ARG B 266 10.30 9.94 -15.35
CA ARG B 266 11.62 9.79 -15.96
C ARG B 266 11.99 8.32 -16.14
N ASP B 267 11.82 7.51 -15.09
CA ASP B 267 12.30 6.14 -15.14
C ASP B 267 11.41 5.23 -15.99
N ALA B 268 10.11 5.50 -16.01
CA ALA B 268 9.20 4.80 -16.91
C ALA B 268 9.53 5.11 -18.37
N THR B 269 9.90 6.37 -18.62
CA THR B 269 10.35 6.79 -19.94
C THR B 269 11.63 6.06 -20.31
N ARG B 270 12.55 5.87 -19.36
CA ARG B 270 13.75 5.09 -19.64
C ARG B 270 13.40 3.65 -19.98
N ALA B 271 12.42 3.08 -19.29
CA ALA B 271 12.04 1.69 -19.54
C ALA B 271 11.50 1.51 -20.97
N ILE B 272 10.64 2.43 -21.42
CA ILE B 272 10.09 2.32 -22.77
C ILE B 272 11.14 2.67 -23.83
N CYS B 273 11.94 3.70 -23.59
CA CYS B 273 12.97 4.09 -24.54
C CYS B 273 14.02 3.01 -24.79
N SER B 274 14.49 2.38 -23.72
CA SER B 274 15.50 1.33 -23.83
C SER B 274 14.96 0.14 -24.62
N ARG B 275 13.79 -0.38 -24.25
CA ARG B 275 13.16 -1.48 -24.96
C ARG B 275 12.92 -1.16 -26.44
N SER B 276 12.42 0.06 -26.71
CA SER B 276 12.00 0.44 -28.05
C SER B 276 13.18 0.56 -29.01
N HIS B 277 14.19 1.35 -28.63
CA HIS B 277 15.31 1.53 -29.55
C HIS B 277 16.20 0.29 -29.66
N LEU B 278 16.30 -0.53 -28.60
CA LEU B 278 17.04 -1.78 -28.71
C LEU B 278 16.35 -2.77 -29.64
N MET B 279 15.02 -2.84 -29.60
CA MET B 279 14.27 -3.67 -30.55
C MET B 279 14.51 -3.19 -31.98
N GLY B 280 14.41 -1.87 -32.18
CA GLY B 280 14.59 -1.27 -33.49
C GLY B 280 15.99 -1.54 -34.08
N GLU B 281 17.01 -1.35 -33.24
CA GLU B 281 18.40 -1.56 -33.66
C GLU B 281 18.73 -3.04 -33.86
N GLY B 282 18.16 -3.90 -33.01
CA GLY B 282 18.33 -5.33 -33.14
C GLY B 282 17.92 -5.92 -34.50
N GLU B 283 16.94 -5.27 -35.16
CA GLU B 283 16.46 -5.69 -36.46
C GLU B 283 17.50 -5.58 -37.58
N ALA B 284 18.52 -4.73 -37.41
CA ALA B 284 19.64 -4.67 -38.34
C ALA B 284 20.40 -5.98 -38.52
N MET B 285 20.33 -6.89 -37.54
CA MET B 285 20.91 -8.22 -37.65
C MET B 285 20.04 -9.24 -38.41
N LEU B 286 18.78 -8.86 -38.72
CA LEU B 286 17.75 -9.81 -39.13
C LEU B 286 17.36 -9.66 -40.59
N PHE B 287 17.32 -10.80 -41.30
CA PHE B 287 16.99 -10.88 -42.70
C PHE B 287 16.64 -12.34 -42.97
N GLY B 288 16.09 -12.63 -44.16
CA GLY B 288 15.89 -14.00 -44.60
C GLY B 288 15.18 -14.91 -43.58
N GLU B 289 15.85 -16.01 -43.20
CA GLU B 289 15.29 -16.98 -42.27
C GLU B 289 14.94 -16.43 -40.89
N TYR B 290 15.66 -15.38 -40.49
CA TYR B 290 15.54 -14.84 -39.13
C TYR B 290 14.30 -13.98 -38.91
N ILE B 291 13.66 -13.54 -40.01
CA ILE B 291 12.56 -12.61 -39.90
C ILE B 291 11.37 -13.26 -39.19
N ARG B 292 10.79 -12.54 -38.22
CA ARG B 292 9.56 -12.93 -37.59
C ARG B 292 8.59 -11.75 -37.60
N LEU B 293 7.41 -11.99 -38.17
CA LEU B 293 6.27 -11.10 -38.05
C LEU B 293 5.54 -11.41 -36.74
N MET B 294 4.75 -10.43 -36.28
CA MET B 294 3.90 -10.59 -35.12
C MET B 294 2.46 -10.36 -35.61
N ALA B 295 1.50 -11.04 -34.97
CA ALA B 295 0.10 -10.93 -35.35
C ALA B 295 -0.83 -11.21 -34.19
N LEU B 296 -1.95 -10.48 -34.15
CA LEU B 296 -3.04 -10.76 -33.23
C LEU B 296 -4.04 -11.63 -33.99
N VAL B 297 -4.29 -12.85 -33.48
CA VAL B 297 -5.19 -13.77 -34.16
C VAL B 297 -6.21 -14.34 -33.19
N GLU B 298 -7.42 -14.56 -33.68
CA GLU B 298 -8.50 -15.14 -32.89
C GLU B 298 -8.44 -16.66 -32.87
N TYR B 299 -7.34 -17.20 -32.33
CA TYR B 299 -7.17 -18.60 -32.01
C TYR B 299 -6.57 -18.66 -30.61
N SER B 300 -6.86 -19.74 -29.87
CA SER B 300 -6.30 -19.97 -28.54
C SER B 300 -4.85 -20.43 -28.66
N ALA B 301 -4.11 -20.34 -27.56
CA ALA B 301 -2.75 -20.88 -27.51
C ALA B 301 -2.72 -22.38 -27.89
N ASP B 302 -3.71 -23.15 -27.41
CA ASP B 302 -3.77 -24.56 -27.72
C ASP B 302 -4.02 -24.83 -29.20
N GLU B 303 -4.89 -24.04 -29.85
CA GLU B 303 -5.10 -24.18 -31.28
C GLU B 303 -3.81 -23.89 -32.07
N ILE B 304 -3.13 -22.80 -31.71
CA ILE B 304 -1.87 -22.43 -32.32
C ILE B 304 -0.86 -23.58 -32.22
N ARG B 305 -0.71 -24.10 -31.02
CA ARG B 305 0.27 -25.14 -30.78
C ARG B 305 -0.11 -26.46 -31.46
N GLU B 306 -1.35 -26.89 -31.26
CA GLU B 306 -1.75 -28.24 -31.64
C GLU B 306 -2.40 -28.27 -33.03
N VAL B 307 -3.45 -27.47 -33.22
CA VAL B 307 -4.18 -27.47 -34.49
C VAL B 307 -3.25 -27.03 -35.64
N PHE B 308 -2.39 -26.04 -35.37
CA PHE B 308 -1.44 -25.52 -36.35
C PHE B 308 -0.02 -26.05 -36.15
N SER B 309 0.09 -27.29 -35.69
CA SER B 309 1.41 -27.87 -35.43
C SER B 309 2.21 -28.11 -36.71
N ASP B 310 1.55 -28.14 -37.87
CA ASP B 310 2.22 -28.06 -39.16
C ASP B 310 3.01 -26.76 -39.38
N PHE B 311 2.74 -25.74 -38.57
CA PHE B 311 3.53 -24.51 -38.60
C PHE B 311 4.35 -24.44 -37.31
N PRO B 312 5.50 -25.15 -37.26
CA PRO B 312 6.18 -25.38 -35.99
C PRO B 312 6.90 -24.18 -35.40
N ASP B 313 7.07 -23.08 -36.17
CA ASP B 313 7.82 -21.95 -35.66
C ASP B 313 6.97 -20.77 -35.24
N LEU B 314 5.65 -21.01 -35.12
CA LEU B 314 4.78 -20.07 -34.45
C LEU B 314 5.08 -20.13 -32.95
N GLU B 315 5.07 -18.97 -32.31
CA GLU B 315 5.31 -18.86 -30.88
C GLU B 315 4.22 -17.97 -30.30
N VAL B 316 3.79 -18.32 -29.08
CA VAL B 316 2.85 -17.50 -28.32
C VAL B 316 3.58 -16.40 -27.56
N CYS B 317 3.27 -15.14 -27.90
CA CYS B 317 3.90 -13.98 -27.29
C CYS B 317 3.03 -13.39 -26.17
N VAL B 318 1.73 -13.19 -26.48
CA VAL B 318 0.74 -12.72 -25.53
C VAL B 318 -0.45 -13.68 -25.49
N TYR B 319 -0.76 -14.21 -24.31
CA TYR B 319 -2.04 -14.84 -24.03
C TYR B 319 -3.05 -13.72 -23.85
N ALA B 320 -3.74 -13.32 -24.93
CA ALA B 320 -4.51 -12.08 -24.91
C ALA B 320 -5.93 -12.30 -24.37
N ALA B 321 -6.58 -13.37 -24.80
CA ALA B 321 -7.88 -13.79 -24.31
C ALA B 321 -7.95 -15.31 -24.47
N PRO B 322 -9.01 -16.01 -23.95
CA PRO B 322 -9.09 -17.46 -24.13
C PRO B 322 -8.98 -17.87 -25.59
N THR B 323 -9.58 -17.08 -26.49
CA THR B 323 -9.55 -17.36 -27.91
C THR B 323 -8.85 -16.28 -28.74
N GLN B 324 -7.94 -15.48 -28.15
CA GLN B 324 -7.11 -14.57 -28.91
C GLN B 324 -5.67 -14.63 -28.42
N THR B 325 -4.73 -14.64 -29.37
CA THR B 325 -3.32 -14.77 -29.07
C THR B 325 -2.51 -13.79 -29.92
N VAL B 326 -1.50 -13.15 -29.31
CA VAL B 326 -0.46 -12.51 -30.11
C VAL B 326 0.65 -13.52 -30.36
N ILE B 327 0.91 -13.78 -31.65
CA ILE B 327 1.90 -14.74 -32.09
C ILE B 327 3.07 -14.05 -32.80
N GLY B 328 4.21 -14.75 -32.79
CA GLY B 328 5.35 -14.45 -33.65
C GLY B 328 5.61 -15.68 -34.53
N GLY B 329 6.16 -15.45 -35.72
CA GLY B 329 6.50 -16.56 -36.59
C GLY B 329 7.08 -16.10 -37.92
N PRO B 330 7.70 -17.02 -38.68
CA PRO B 330 8.18 -16.70 -40.03
C PRO B 330 7.01 -16.18 -40.87
N PRO B 331 7.27 -15.27 -41.83
CA PRO B 331 6.20 -14.69 -42.64
C PRO B 331 5.25 -15.71 -43.31
N GLU B 332 5.80 -16.76 -43.92
CA GLU B 332 4.95 -17.70 -44.63
C GLU B 332 3.96 -18.39 -43.69
N GLN B 333 4.41 -18.70 -42.47
CA GLN B 333 3.60 -19.40 -41.49
C GLN B 333 2.53 -18.46 -40.92
N VAL B 334 2.93 -17.23 -40.60
CA VAL B 334 2.00 -16.22 -40.13
C VAL B 334 0.98 -15.86 -41.21
N ASP B 335 1.40 -15.75 -42.47
CA ASP B 335 0.46 -15.52 -43.56
C ASP B 335 -0.54 -16.66 -43.72
N ALA B 336 -0.11 -17.91 -43.49
CA ALA B 336 -1.02 -19.04 -43.62
C ALA B 336 -2.09 -19.05 -42.52
N ILE B 337 -1.69 -18.75 -41.27
CA ILE B 337 -2.63 -18.58 -40.18
C ILE B 337 -3.67 -17.51 -40.46
N LEU B 338 -3.19 -16.34 -40.91
CA LEU B 338 -4.06 -15.23 -41.27
C LEU B 338 -5.07 -15.64 -42.35
N ALA B 339 -4.60 -16.39 -43.37
CA ALA B 339 -5.48 -16.84 -44.43
C ALA B 339 -6.56 -17.78 -43.88
N ARG B 340 -6.18 -18.68 -42.97
CA ARG B 340 -7.14 -19.59 -42.36
C ARG B 340 -8.16 -18.80 -41.56
N ALA B 341 -7.71 -17.77 -40.84
CA ALA B 341 -8.59 -16.97 -40.00
C ALA B 341 -9.63 -16.25 -40.85
N GLU B 342 -9.20 -15.62 -41.95
CA GLU B 342 -10.13 -14.91 -42.80
C GLU B 342 -11.14 -15.85 -43.43
N ALA B 343 -10.69 -17.06 -43.78
CA ALA B 343 -11.58 -18.09 -44.32
C ALA B 343 -12.65 -18.54 -43.32
N GLU B 344 -12.40 -18.33 -42.02
CA GLU B 344 -13.31 -18.73 -40.95
C GLU B 344 -14.02 -17.53 -40.32
N GLY B 345 -13.86 -16.33 -40.90
CA GLY B 345 -14.46 -15.12 -40.35
C GLY B 345 -13.91 -14.67 -38.99
N LYS B 346 -12.63 -14.98 -38.73
CA LYS B 346 -12.02 -14.61 -37.46
C LYS B 346 -11.10 -13.39 -37.55
N PHE B 347 -10.97 -12.65 -36.45
CA PHE B 347 -10.08 -11.51 -36.38
C PHE B 347 -8.60 -11.91 -36.56
N ALA B 348 -7.87 -11.07 -37.29
CA ALA B 348 -6.45 -11.29 -37.55
C ALA B 348 -5.81 -10.01 -38.09
N ARG B 349 -4.76 -9.52 -37.44
CA ARG B 349 -3.91 -8.52 -38.06
C ARG B 349 -2.44 -8.64 -37.66
N LYS B 350 -1.55 -8.50 -38.65
CA LYS B 350 -0.12 -8.45 -38.39
C LYS B 350 0.41 -7.05 -38.14
N PHE B 351 1.45 -6.92 -37.30
CA PHE B 351 2.43 -5.84 -37.37
C PHE B 351 3.66 -6.33 -38.15
N ALA B 352 4.32 -5.44 -38.91
CA ALA B 352 5.48 -5.81 -39.71
C ALA B 352 6.82 -5.66 -38.97
N THR B 353 7.03 -6.51 -37.98
CA THR B 353 8.29 -6.62 -37.26
C THR B 353 9.26 -7.48 -38.07
N LYS B 354 10.51 -7.50 -37.63
CA LYS B 354 11.45 -8.53 -38.05
C LYS B 354 11.86 -9.35 -36.83
N GLY B 355 11.85 -8.70 -35.64
CA GLY B 355 12.14 -9.37 -34.37
C GLY B 355 10.91 -9.36 -33.47
N ALA B 356 10.49 -10.53 -32.99
CA ALA B 356 9.29 -10.64 -32.16
C ALA B 356 9.68 -10.47 -30.70
N SER B 357 8.99 -9.56 -30.00
CA SER B 357 9.16 -9.45 -28.56
C SER B 357 8.62 -10.71 -27.90
N HIS B 358 9.05 -10.98 -26.67
CA HIS B 358 8.62 -12.14 -25.90
C HIS B 358 9.08 -13.46 -26.52
N THR B 359 10.20 -13.42 -27.27
CA THR B 359 10.81 -14.61 -27.86
C THR B 359 12.32 -14.55 -27.63
N SER B 360 13.03 -15.63 -27.99
CA SER B 360 14.49 -15.69 -27.87
C SER B 360 15.22 -14.64 -28.71
N GLN B 361 14.52 -14.04 -29.69
CA GLN B 361 15.10 -12.95 -30.46
C GLN B 361 15.47 -11.74 -29.60
N MET B 362 14.88 -11.66 -28.40
CA MET B 362 15.25 -10.60 -27.47
C MET B 362 16.54 -10.91 -26.72
N ASP B 363 17.03 -12.15 -26.76
CA ASP B 363 18.18 -12.53 -25.95
C ASP B 363 19.39 -11.62 -26.22
N PRO B 364 19.73 -11.32 -27.48
CA PRO B 364 20.88 -10.46 -27.74
C PRO B 364 20.77 -9.01 -27.27
N LEU B 365 19.55 -8.57 -26.89
CA LEU B 365 19.35 -7.20 -26.43
C LEU B 365 19.48 -7.05 -24.91
N LEU B 366 19.46 -8.17 -24.17
CA LEU B 366 19.28 -8.13 -22.73
C LEU B 366 20.46 -7.54 -21.97
N GLY B 367 21.69 -7.79 -22.46
CA GLY B 367 22.91 -7.23 -21.87
C GLY B 367 22.89 -5.70 -21.91
N GLU B 368 22.57 -5.16 -23.08
CA GLU B 368 22.50 -3.71 -23.26
C GLU B 368 21.32 -3.11 -22.51
N LEU B 369 20.18 -3.82 -22.47
CA LEU B 369 19.01 -3.37 -21.71
C LEU B 369 19.38 -3.20 -20.23
N THR B 370 20.08 -4.19 -19.68
CA THR B 370 20.59 -4.14 -18.33
C THR B 370 21.44 -2.90 -18.08
N ALA B 371 22.43 -2.67 -18.95
CA ALA B 371 23.33 -1.53 -18.79
C ALA B 371 22.56 -0.21 -18.84
N GLU B 372 21.63 -0.07 -19.79
CA GLU B 372 20.92 1.19 -19.96
C GLU B 372 19.91 1.51 -18.84
N LEU B 373 19.48 0.52 -18.08
CA LEU B 373 18.53 0.75 -17.00
C LEU B 373 19.14 0.88 -15.61
N GLN B 374 20.48 0.75 -15.51
CA GLN B 374 21.16 0.92 -14.23
C GLN B 374 20.81 2.33 -13.75
N GLY B 375 20.41 2.45 -12.48
CA GLY B 375 20.10 3.76 -11.93
C GLY B 375 18.62 4.08 -11.81
N ILE B 376 17.74 3.30 -12.45
CA ILE B 376 16.31 3.49 -12.21
C ILE B 376 16.01 3.20 -10.74
N LYS B 377 14.92 3.79 -10.24
CA LYS B 377 14.58 3.72 -8.83
C LYS B 377 13.16 3.19 -8.66
N PRO B 378 13.00 1.85 -8.52
CA PRO B 378 11.70 1.23 -8.31
C PRO B 378 11.12 1.67 -6.97
N THR B 379 9.85 2.07 -6.96
CA THR B 379 9.20 2.50 -5.73
C THR B 379 8.04 1.57 -5.39
N SER B 380 7.63 1.63 -4.11
CA SER B 380 6.51 0.87 -3.61
C SER B 380 5.21 1.28 -4.31
N PRO B 381 4.49 0.35 -4.96
CA PRO B 381 3.27 0.71 -5.69
C PRO B 381 2.21 1.40 -4.83
N THR B 382 1.51 2.38 -5.42
CA THR B 382 0.44 3.10 -4.75
C THR B 382 -0.94 2.60 -5.15
N CYS B 383 -1.05 1.72 -6.16
CA CYS B 383 -2.30 1.01 -6.38
C CYS B 383 -1.96 -0.44 -6.71
N GLY B 384 -3.00 -1.27 -6.84
CA GLY B 384 -2.81 -2.67 -7.16
C GLY B 384 -2.25 -2.84 -8.57
N ILE B 385 -1.51 -3.93 -8.76
CA ILE B 385 -0.98 -4.33 -10.05
C ILE B 385 -1.34 -5.79 -10.32
N PHE B 386 -1.94 -6.04 -11.48
CA PHE B 386 -2.01 -7.38 -12.04
C PHE B 386 -0.83 -7.48 -13.01
N SER B 387 0.23 -8.17 -12.57
CA SER B 387 1.48 -8.21 -13.30
C SER B 387 1.46 -9.34 -14.32
N THR B 388 1.33 -8.97 -15.60
CA THR B 388 1.30 -9.94 -16.67
C THR B 388 2.71 -10.44 -17.01
N VAL B 389 3.73 -9.79 -16.44
CA VAL B 389 5.09 -10.31 -16.45
C VAL B 389 5.21 -11.49 -15.48
N HIS B 390 4.76 -11.27 -14.23
CA HIS B 390 4.77 -12.32 -13.22
C HIS B 390 3.49 -13.16 -13.26
N GLU B 391 3.25 -13.76 -14.44
CA GLU B 391 2.26 -14.80 -14.64
C GLU B 391 0.84 -14.36 -14.32
N GLY B 392 0.59 -13.03 -14.34
CA GLY B 392 -0.73 -12.50 -14.06
C GLY B 392 -1.11 -12.30 -12.59
N ARG B 393 -0.17 -12.49 -11.66
CA ARG B 393 -0.46 -12.42 -10.25
CA ARG B 393 -0.50 -12.42 -10.26
C ARG B 393 -0.68 -10.98 -9.78
N TYR B 394 -1.44 -10.84 -8.69
CA TYR B 394 -1.78 -9.56 -8.11
C TYR B 394 -0.74 -9.14 -7.08
N ILE B 395 -0.34 -7.88 -7.15
CA ILE B 395 0.59 -7.29 -6.20
C ILE B 395 -0.17 -6.15 -5.54
N LYS B 396 -0.24 -6.21 -4.21
CA LYS B 396 -0.99 -5.25 -3.42
C LYS B 396 -0.24 -3.93 -3.36
N PRO B 397 -0.96 -2.79 -3.23
CA PRO B 397 -0.27 -1.52 -3.00
C PRO B 397 0.57 -1.65 -1.74
N GLY B 398 1.72 -0.95 -1.71
CA GLY B 398 2.44 -0.74 -0.46
C GLY B 398 3.46 -1.82 -0.17
N GLY B 399 3.55 -2.84 -1.03
CA GLY B 399 4.56 -3.86 -0.86
C GLY B 399 5.97 -3.43 -1.28
N GLU B 400 6.87 -4.42 -1.33
CA GLU B 400 8.19 -4.29 -1.92
C GLU B 400 8.08 -3.83 -3.38
N PRO B 401 8.98 -2.94 -3.85
CA PRO B 401 9.00 -2.53 -5.26
C PRO B 401 9.21 -3.75 -6.16
N ILE B 402 8.60 -3.73 -7.35
CA ILE B 402 8.80 -4.80 -8.32
C ILE B 402 9.49 -4.39 -9.61
N HIS B 403 9.53 -3.09 -9.91
CA HIS B 403 9.89 -2.60 -11.25
C HIS B 403 11.39 -2.40 -11.42
N ASP B 404 12.17 -3.39 -11.00
CA ASP B 404 13.61 -3.35 -11.07
C ASP B 404 14.07 -3.79 -12.45
N VAL B 405 15.39 -3.76 -12.68
CA VAL B 405 15.95 -4.02 -13.99
C VAL B 405 15.56 -5.40 -14.52
N GLU B 406 15.65 -6.42 -13.65
CA GLU B 406 15.27 -7.77 -14.00
C GLU B 406 13.80 -7.87 -14.42
N TYR B 407 12.93 -7.02 -13.85
CA TYR B 407 11.54 -6.99 -14.26
C TYR B 407 11.39 -6.63 -15.74
N TRP B 408 12.13 -5.61 -16.21
CA TRP B 408 12.04 -5.15 -17.59
C TRP B 408 12.65 -6.16 -18.57
N LYS B 409 13.70 -6.86 -18.14
CA LYS B 409 14.28 -7.94 -18.91
C LYS B 409 13.32 -9.12 -19.07
N LYS B 410 12.77 -9.58 -17.95
CA LYS B 410 11.79 -10.66 -17.96
C LYS B 410 10.59 -10.28 -18.82
N GLY B 411 10.12 -9.04 -18.63
CA GLY B 411 8.99 -8.51 -19.37
C GLY B 411 9.18 -8.60 -20.88
N LEU B 412 10.35 -8.18 -21.36
CA LEU B 412 10.63 -8.14 -22.78
C LEU B 412 10.85 -9.54 -23.35
N ARG B 413 11.50 -10.41 -22.58
CA ARG B 413 11.91 -11.72 -23.06
C ARG B 413 10.81 -12.77 -22.99
N HIS B 414 10.01 -12.75 -21.91
CA HIS B 414 9.07 -13.83 -21.65
C HIS B 414 7.63 -13.45 -21.98
N SER B 415 6.79 -14.48 -22.02
CA SER B 415 5.38 -14.33 -22.39
C SER B 415 4.60 -13.34 -21.52
N VAL B 416 3.54 -12.79 -22.13
CA VAL B 416 2.64 -11.87 -21.46
C VAL B 416 1.37 -12.62 -21.08
N TYR B 417 1.16 -12.74 -19.76
CA TYR B 417 0.01 -13.45 -19.21
C TYR B 417 -1.17 -12.50 -18.99
N PHE B 418 -1.72 -12.00 -20.10
CA PHE B 418 -2.73 -10.94 -20.04
C PHE B 418 -4.09 -11.50 -19.63
N THR B 419 -4.54 -12.56 -20.30
CA THR B 419 -5.81 -13.17 -19.95
CA THR B 419 -5.73 -13.32 -19.97
C THR B 419 -5.81 -13.61 -18.48
N HIS B 420 -4.69 -14.15 -17.98
CA HIS B 420 -4.56 -14.57 -16.60
C HIS B 420 -4.71 -13.40 -15.62
N GLY B 421 -4.09 -12.26 -15.95
CA GLY B 421 -4.26 -11.05 -15.16
C GLY B 421 -5.70 -10.55 -15.09
N ILE B 422 -6.38 -10.52 -16.25
CA ILE B 422 -7.76 -10.07 -16.29
C ILE B 422 -8.65 -11.01 -15.47
N ARG B 423 -8.44 -12.31 -15.60
CA ARG B 423 -9.18 -13.30 -14.83
C ARG B 423 -8.99 -13.11 -13.33
N ASN B 424 -7.76 -12.89 -12.90
CA ASN B 424 -7.46 -12.59 -11.50
C ASN B 424 -8.17 -11.33 -11.03
N ALA B 425 -8.25 -10.31 -11.90
CA ALA B 425 -8.98 -9.09 -11.56
C ALA B 425 -10.48 -9.36 -11.41
N VAL B 426 -11.05 -10.15 -12.34
CA VAL B 426 -12.46 -10.51 -12.24
C VAL B 426 -12.71 -11.30 -10.94
N ASP B 427 -11.82 -12.26 -10.66
CA ASP B 427 -11.96 -13.10 -9.49
C ASP B 427 -11.75 -12.35 -8.17
N SER B 428 -11.17 -11.15 -8.20
CA SER B 428 -11.07 -10.35 -7.00
C SER B 428 -12.10 -9.22 -6.93
N GLY B 429 -13.15 -9.30 -7.77
CA GLY B 429 -14.25 -8.36 -7.70
C GLY B 429 -14.25 -7.15 -8.63
N HIS B 430 -13.26 -7.04 -9.53
CA HIS B 430 -13.22 -5.92 -10.46
C HIS B 430 -14.17 -6.18 -11.63
N THR B 431 -14.91 -5.13 -12.01
CA THR B 431 -15.85 -5.19 -13.12
C THR B 431 -15.70 -4.06 -14.13
N THR B 432 -15.05 -2.96 -13.72
CA THR B 432 -14.78 -1.84 -14.60
C THR B 432 -13.33 -1.92 -15.10
N PHE B 433 -13.17 -1.95 -16.41
CA PHE B 433 -11.87 -1.96 -17.07
C PHE B 433 -11.82 -0.77 -18.04
N LEU B 434 -10.81 0.09 -17.87
CA LEU B 434 -10.71 1.32 -18.66
C LEU B 434 -9.39 1.28 -19.41
N GLU B 435 -9.45 1.34 -20.74
CA GLU B 435 -8.24 1.23 -21.55
C GLU B 435 -7.77 2.61 -22.01
N LEU B 436 -6.49 2.91 -21.71
CA LEU B 436 -5.84 4.12 -22.16
C LEU B 436 -5.08 3.78 -23.43
N ALA B 437 -5.56 4.27 -24.58
CA ALA B 437 -5.02 3.84 -25.84
C ALA B 437 -5.49 4.73 -26.97
N PRO B 438 -4.75 4.78 -28.09
CA PRO B 438 -5.20 5.42 -29.32
C PRO B 438 -6.28 4.63 -30.06
N ASN B 439 -6.43 3.35 -29.72
CA ASN B 439 -7.46 2.47 -30.27
C ASN B 439 -7.69 1.36 -29.27
N PRO B 440 -8.97 1.02 -28.95
CA PRO B 440 -9.28 0.08 -27.86
C PRO B 440 -9.18 -1.40 -28.22
N VAL B 441 -8.03 -1.81 -28.78
CA VAL B 441 -7.77 -3.19 -29.14
C VAL B 441 -7.78 -4.15 -27.95
N ALA B 442 -7.13 -3.77 -26.85
CA ALA B 442 -7.05 -4.68 -25.71
C ALA B 442 -8.40 -4.85 -25.01
N LEU B 443 -9.26 -3.84 -25.06
CA LEU B 443 -10.56 -3.91 -24.41
C LEU B 443 -11.42 -5.00 -25.03
N MET B 444 -11.24 -5.25 -26.33
CA MET B 444 -11.90 -6.39 -26.98
C MET B 444 -11.44 -7.70 -26.36
N GLN B 445 -10.15 -7.79 -26.02
CA GLN B 445 -9.62 -9.00 -25.39
C GLN B 445 -10.19 -9.17 -23.99
N VAL B 446 -10.28 -8.04 -23.25
CA VAL B 446 -10.84 -8.04 -21.91
C VAL B 446 -12.27 -8.57 -21.92
N ALA B 447 -13.07 -8.06 -22.87
CA ALA B 447 -14.47 -8.48 -23.03
C ALA B 447 -14.61 -9.99 -23.16
N LEU B 448 -13.72 -10.60 -23.93
CA LEU B 448 -13.75 -12.04 -24.10
C LEU B 448 -13.39 -12.79 -22.82
N THR B 449 -12.42 -12.26 -22.06
CA THR B 449 -12.00 -12.91 -20.82
C THR B 449 -13.09 -12.76 -19.75
N THR B 450 -13.64 -11.56 -19.61
CA THR B 450 -14.69 -11.32 -18.64
C THR B 450 -15.87 -12.26 -18.89
N ALA B 451 -16.36 -12.32 -20.13
CA ALA B 451 -17.45 -13.22 -20.49
C ALA B 451 -17.12 -14.67 -20.18
N ASP B 452 -15.87 -15.08 -20.44
CA ASP B 452 -15.44 -16.46 -20.19
C ASP B 452 -15.45 -16.80 -18.71
N ALA B 453 -15.18 -15.80 -17.87
CA ALA B 453 -15.13 -15.97 -16.43
C ALA B 453 -16.51 -15.91 -15.79
N GLY B 454 -17.55 -15.70 -16.59
CA GLY B 454 -18.91 -15.57 -16.08
C GLY B 454 -19.40 -14.15 -15.83
N LEU B 455 -18.59 -13.15 -16.13
CA LEU B 455 -19.00 -11.76 -15.96
C LEU B 455 -19.53 -11.20 -17.27
N HIS B 456 -20.86 -11.07 -17.37
CA HIS B 456 -21.50 -10.68 -18.63
C HIS B 456 -21.93 -9.22 -18.70
N ASP B 457 -21.75 -8.45 -17.61
CA ASP B 457 -22.01 -7.03 -17.65
C ASP B 457 -20.84 -6.21 -17.09
N ALA B 458 -19.63 -6.47 -17.57
CA ALA B 458 -18.48 -5.65 -17.21
C ALA B 458 -18.67 -4.23 -17.76
N GLN B 459 -18.14 -3.24 -17.06
CA GLN B 459 -18.07 -1.89 -17.58
C GLN B 459 -16.74 -1.75 -18.34
N LEU B 460 -16.84 -1.71 -19.67
CA LEU B 460 -15.68 -1.68 -20.55
C LEU B 460 -15.56 -0.28 -21.18
N ILE B 461 -14.62 0.52 -20.68
CA ILE B 461 -14.61 1.94 -21.00
C ILE B 461 -13.40 2.23 -21.90
N PRO B 462 -13.59 2.58 -23.19
CA PRO B 462 -12.46 2.94 -24.05
C PRO B 462 -12.08 4.39 -23.81
N THR B 463 -10.96 4.80 -24.43
CA THR B 463 -10.62 6.21 -24.56
C THR B 463 -10.71 6.56 -26.04
N LEU B 464 -9.57 6.73 -26.72
CA LEU B 464 -9.58 7.19 -28.10
C LEU B 464 -9.79 6.02 -29.07
N ALA B 465 -10.25 6.37 -30.28
CA ALA B 465 -10.41 5.46 -31.39
C ALA B 465 -10.21 6.18 -32.73
N ARG B 466 -9.61 5.48 -33.69
CA ARG B 466 -9.41 6.03 -35.03
C ARG B 466 -10.76 6.41 -35.63
N LYS B 467 -10.82 7.57 -36.27
CA LYS B 467 -12.05 8.06 -36.87
C LYS B 467 -13.25 8.21 -35.91
N GLN B 468 -12.99 8.32 -34.59
CA GLN B 468 -13.96 8.88 -33.66
C GLN B 468 -13.37 10.18 -33.13
N ASP B 469 -14.21 11.21 -32.98
CA ASP B 469 -13.75 12.49 -32.48
C ASP B 469 -13.11 12.30 -31.10
N GLU B 470 -11.85 12.73 -30.97
CA GLU B 470 -11.07 12.44 -29.78
C GLU B 470 -11.57 13.21 -28.56
N VAL B 471 -12.03 14.46 -28.75
CA VAL B 471 -12.55 15.26 -27.65
C VAL B 471 -13.84 14.61 -27.12
N SER B 472 -14.75 14.26 -28.03
CA SER B 472 -15.97 13.56 -27.70
C SER B 472 -15.74 12.23 -26.98
N SER B 473 -14.79 11.44 -27.47
CA SER B 473 -14.42 10.18 -26.84
C SER B 473 -14.09 10.38 -25.36
N MET B 474 -13.36 11.45 -25.06
CA MET B 474 -12.90 11.63 -23.68
C MET B 474 -14.04 12.11 -22.79
N VAL B 475 -14.97 12.90 -23.36
CA VAL B 475 -16.19 13.24 -22.65
C VAL B 475 -16.94 11.97 -22.22
N SER B 476 -17.13 11.06 -23.17
CA SER B 476 -17.85 9.83 -22.95
C SER B 476 -17.15 8.96 -21.90
N THR B 477 -15.83 8.81 -22.00
CA THR B 477 -15.05 8.13 -20.97
C THR B 477 -15.37 8.63 -19.56
N MET B 478 -15.36 9.95 -19.40
CA MET B 478 -15.46 10.53 -18.07
C MET B 478 -16.90 10.46 -17.57
N ALA B 479 -17.86 10.56 -18.50
CA ALA B 479 -19.26 10.38 -18.17
C ALA B 479 -19.54 8.98 -17.64
N GLN B 480 -18.90 7.97 -18.23
CA GLN B 480 -19.05 6.59 -17.78
C GLN B 480 -18.52 6.38 -16.38
N LEU B 481 -17.34 6.97 -16.09
CA LEU B 481 -16.77 6.91 -14.76
C LEU B 481 -17.73 7.48 -13.73
N TYR B 482 -18.36 8.63 -14.08
CA TYR B 482 -19.32 9.27 -13.20
C TYR B 482 -20.53 8.37 -12.94
N VAL B 483 -21.09 7.78 -14.01
CA VAL B 483 -22.33 7.04 -13.91
C VAL B 483 -22.17 5.85 -12.96
N TYR B 484 -21.00 5.19 -13.01
CA TYR B 484 -20.76 3.99 -12.22
C TYR B 484 -20.30 4.30 -10.79
N GLY B 485 -20.15 5.59 -10.46
CA GLY B 485 -19.77 5.98 -9.12
C GLY B 485 -18.27 6.03 -8.85
N HIS B 486 -17.43 5.92 -9.90
CA HIS B 486 -15.97 5.98 -9.72
C HIS B 486 -15.51 7.43 -9.54
N ASP B 487 -14.29 7.59 -9.00
CA ASP B 487 -13.74 8.92 -8.79
C ASP B 487 -13.74 9.73 -10.10
N LEU B 488 -14.42 10.88 -10.08
CA LEU B 488 -14.49 11.79 -11.20
C LEU B 488 -15.32 13.00 -10.76
N ASP B 489 -14.79 14.22 -10.94
CA ASP B 489 -15.51 15.43 -10.58
C ASP B 489 -16.20 15.97 -11.84
N ILE B 490 -17.50 15.64 -11.98
CA ILE B 490 -18.24 15.95 -13.18
C ILE B 490 -18.38 17.45 -13.40
N ARG B 491 -18.21 18.23 -12.32
CA ARG B 491 -18.28 19.69 -12.44
C ARG B 491 -17.16 20.20 -13.34
N THR B 492 -16.01 19.48 -13.40
CA THR B 492 -14.89 19.89 -14.24
C THR B 492 -15.08 19.60 -15.74
N LEU B 493 -16.20 18.99 -16.12
CA LEU B 493 -16.52 18.83 -17.54
C LEU B 493 -17.20 20.08 -18.12
N PHE B 494 -17.34 21.13 -17.30
CA PHE B 494 -17.85 22.41 -17.71
C PHE B 494 -16.91 23.49 -17.21
N SER B 495 -16.80 24.62 -17.93
CA SER B 495 -16.06 25.74 -17.38
C SER B 495 -16.81 26.27 -16.16
N ARG B 496 -16.08 26.91 -15.24
CA ARG B 496 -16.69 27.57 -14.10
C ARG B 496 -17.67 28.63 -14.62
N ALA B 497 -18.86 28.70 -14.00
CA ALA B 497 -19.84 29.71 -14.37
C ALA B 497 -19.26 31.10 -14.20
N SER B 498 -19.58 31.98 -15.15
CA SER B 498 -19.06 33.33 -15.19
CA SER B 498 -19.06 33.33 -15.20
C SER B 498 -20.16 34.38 -15.02
N GLY B 499 -21.40 33.91 -14.86
CA GLY B 499 -22.56 34.74 -14.63
C GLY B 499 -23.81 33.88 -14.70
N PRO B 500 -25.01 34.45 -14.45
CA PRO B 500 -26.24 33.66 -14.46
C PRO B 500 -26.57 33.03 -15.82
N GLN B 501 -26.08 33.61 -16.92
CA GLN B 501 -26.30 33.05 -18.24
C GLN B 501 -25.67 31.66 -18.41
N ASP B 502 -24.73 31.31 -17.52
CA ASP B 502 -24.07 30.02 -17.60
C ASP B 502 -24.82 28.90 -16.89
N TYR B 503 -25.89 29.26 -16.17
CA TYR B 503 -26.77 28.28 -15.56
C TYR B 503 -28.20 28.32 -16.10
N ALA B 504 -28.64 27.25 -16.78
CA ALA B 504 -29.99 27.19 -17.27
C ALA B 504 -30.88 27.04 -16.04
N ASN B 505 -32.07 27.63 -16.15
CA ASN B 505 -33.05 27.55 -15.07
C ASN B 505 -33.82 26.23 -15.08
N ILE B 506 -33.09 25.14 -14.90
CA ILE B 506 -33.70 23.83 -14.95
C ILE B 506 -34.69 23.76 -13.79
N PRO B 507 -35.79 23.00 -13.94
CA PRO B 507 -36.81 22.95 -12.88
C PRO B 507 -36.31 22.20 -11.65
N PRO B 508 -36.48 22.73 -10.42
CA PRO B 508 -36.35 21.89 -9.22
C PRO B 508 -37.25 20.66 -9.34
N THR B 509 -36.89 19.60 -8.63
CA THR B 509 -37.65 18.36 -8.66
C THR B 509 -37.91 17.89 -7.24
N ARG B 510 -39.03 17.18 -7.10
CA ARG B 510 -39.41 16.51 -5.87
CA ARG B 510 -39.38 16.53 -5.85
C ARG B 510 -38.81 15.11 -5.79
N PHE B 511 -38.26 14.63 -6.91
CA PHE B 511 -37.73 13.28 -7.01
C PHE B 511 -36.20 13.23 -6.88
N LYS B 512 -35.66 12.98 -5.68
CA LYS B 512 -34.26 13.20 -5.37
C LYS B 512 -33.49 11.92 -4.94
#